data_1I46
# 
_entry.id   1I46 
# 
_audit_conform.dict_name       mmcif_pdbx.dic 
_audit_conform.dict_version    5.391 
_audit_conform.dict_location   http://mmcif.pdb.org/dictionaries/ascii/mmcif_pdbx.dic 
# 
loop_
_database_2.database_id 
_database_2.database_code 
_database_2.pdbx_database_accession 
_database_2.pdbx_DOI 
PDB   1I46         pdb_00001i46 10.2210/pdb1i46/pdb 
RCSB  RCSB012881   ?            ?                   
WWPDB D_1000012881 ?            ?                   
# 
loop_
_pdbx_audit_revision_history.ordinal 
_pdbx_audit_revision_history.data_content_type 
_pdbx_audit_revision_history.major_revision 
_pdbx_audit_revision_history.minor_revision 
_pdbx_audit_revision_history.revision_date 
1 'Structure model' 1 0 2001-04-21 
2 'Structure model' 1 1 2008-04-27 
3 'Structure model' 1 2 2011-07-13 
4 'Structure model' 1 3 2017-02-01 
5 'Structure model' 1 4 2024-05-01 
# 
_pdbx_audit_revision_details.ordinal             1 
_pdbx_audit_revision_details.revision_ordinal    1 
_pdbx_audit_revision_details.data_content_type   'Structure model' 
_pdbx_audit_revision_details.provider            repository 
_pdbx_audit_revision_details.type                'Initial release' 
_pdbx_audit_revision_details.description         ? 
_pdbx_audit_revision_details.details             ? 
# 
loop_
_pdbx_audit_revision_group.ordinal 
_pdbx_audit_revision_group.revision_ordinal 
_pdbx_audit_revision_group.data_content_type 
_pdbx_audit_revision_group.group 
1 2 'Structure model' 'Version format compliance' 
2 3 'Structure model' 'Version format compliance' 
3 4 'Structure model' 'Structure summary'         
4 5 'Structure model' 'Data collection'           
5 5 'Structure model' 'Database references'       
# 
loop_
_pdbx_audit_revision_category.ordinal 
_pdbx_audit_revision_category.revision_ordinal 
_pdbx_audit_revision_category.data_content_type 
_pdbx_audit_revision_category.category 
1 5 'Structure model' chem_comp_atom        
2 5 'Structure model' chem_comp_bond        
3 5 'Structure model' database_2            
4 5 'Structure model' pdbx_nmr_software     
5 5 'Structure model' pdbx_nmr_spectrometer 
# 
loop_
_pdbx_audit_revision_item.ordinal 
_pdbx_audit_revision_item.revision_ordinal 
_pdbx_audit_revision_item.data_content_type 
_pdbx_audit_revision_item.item 
1 5 'Structure model' '_database_2.pdbx_DOI'                
2 5 'Structure model' '_database_2.pdbx_database_accession' 
3 5 'Structure model' '_pdbx_nmr_software.name'             
4 5 'Structure model' '_pdbx_nmr_spectrometer.model'        
# 
_database_PDB_caveat.id     1 
_database_PDB_caveat.text   'incorrect carbon chiral center(s)' 
# 
_pdbx_database_status.status_code                     REL 
_pdbx_database_status.entry_id                        1I46 
_pdbx_database_status.recvd_initial_deposition_date   2001-02-20 
_pdbx_database_status.deposit_site                    RCSB 
_pdbx_database_status.process_site                    RCSB 
_pdbx_database_status.status_code_mr                  REL 
_pdbx_database_status.status_code_sf                  ? 
_pdbx_database_status.SG_entry                        N 
_pdbx_database_status.status_code_cs                  ? 
_pdbx_database_status.methods_development_category    ? 
_pdbx_database_status.pdb_format_compatible           Y 
_pdbx_database_status.status_code_nmr_data            ? 
# 
loop_
_pdbx_database_related.db_name 
_pdbx_database_related.db_id 
_pdbx_database_related.details 
_pdbx_database_related.content_type 
PDB 1ESH 
;the solution structure of the wild type triloop 5'AUA3' of the stemloop C of Brome Mosaic Virus (+) RNA.
;
unspecified 
PDB 1I4B .                                                                                                          unspecified 
# 
loop_
_audit_author.name 
_audit_author.pdbx_ordinal 
'Kim, C.-H.'     1 
'Tinoco Jr., I.' 2 
# 
loop_
_citation.id 
_citation.title 
_citation.journal_abbrev 
_citation.journal_volume 
_citation.page_first 
_citation.page_last 
_citation.year 
_citation.journal_id_ASTM 
_citation.country 
_citation.journal_id_ISSN 
_citation.journal_id_CSD 
_citation.book_publisher 
_citation.pdbx_database_id_PubMed 
_citation.pdbx_database_id_DOI 
primary 
'Structural and thermodynamic studies on mutant RNA motifs that impair the specificity between a viral replicase and its promoter' 
J.Mol.Biol.      307 827 839 2001 JMOBAK UK 0022-2836 0070 ? 11273704 10.1006/jmbi.2001.4497 
1       'RNA motifs that determine specificity between a viral replicase and its promoter' Nat.Struct.Biol. 7   415 423 2000 
NSBIEW US 1072-8368 2024 ? ?        10.1038/75202          
# 
loop_
_citation_author.citation_id 
_citation_author.name 
_citation_author.ordinal 
_citation_author.identifier_ORCID 
primary 'Kim, C.-H.'     1 ? 
primary 'Tinoco Jr., I.' 2 ? 
1       'Kao, C.C.'      3 ? 
# 
_entity.id                         1 
_entity.type                       polymer 
_entity.src_method                 syn 
_entity.pdbx_description           "5'-R(*GP*GP*UP*GP*CP*GP*UP*AP*GP*CP*AP*CP*C)-3'" 
_entity.formula_weight             4172.541 
_entity.pdbx_number_of_molecules   1 
_entity.pdbx_ec                    ? 
_entity.pdbx_mutation              ? 
_entity.pdbx_fragment              ? 
_entity.details                    
;5'GUA3' RNA MUTANT TRILOOP
;
# 
_entity_poly.entity_id                      1 
_entity_poly.type                           polyribonucleotide 
_entity_poly.nstd_linkage                   no 
_entity_poly.nstd_monomer                   no 
_entity_poly.pdbx_seq_one_letter_code       GGUGCGUAGCACC 
_entity_poly.pdbx_seq_one_letter_code_can   GGUGCGUAGCACC 
_entity_poly.pdbx_strand_id                 A 
_entity_poly.pdbx_target_identifier         ? 
# 
loop_
_entity_poly_seq.entity_id 
_entity_poly_seq.num 
_entity_poly_seq.mon_id 
_entity_poly_seq.hetero 
1 1  G n 
1 2  G n 
1 3  U n 
1 4  G n 
1 5  C n 
1 6  G n 
1 7  U n 
1 8  A n 
1 9  G n 
1 10 C n 
1 11 A n 
1 12 C n 
1 13 C n 
# 
_pdbx_entity_src_syn.entity_id              1 
_pdbx_entity_src_syn.pdbx_src_id            1 
_pdbx_entity_src_syn.pdbx_alt_source_flag   sample 
_pdbx_entity_src_syn.pdbx_beg_seq_num       ? 
_pdbx_entity_src_syn.pdbx_end_seq_num       ? 
_pdbx_entity_src_syn.organism_scientific    ? 
_pdbx_entity_src_syn.organism_common_name   ? 
_pdbx_entity_src_syn.ncbi_taxonomy_id       ? 
_pdbx_entity_src_syn.details                
'This sequence is a mutant triloop of which wild type sequence is naturally occured in BMV (+) strand RNA' 
# 
loop_
_chem_comp.id 
_chem_comp.type 
_chem_comp.mon_nstd_flag 
_chem_comp.name 
_chem_comp.pdbx_synonyms 
_chem_comp.formula 
_chem_comp.formula_weight 
A 'RNA linking' y "ADENOSINE-5'-MONOPHOSPHATE" ? 'C10 H14 N5 O7 P' 347.221 
C 'RNA linking' y "CYTIDINE-5'-MONOPHOSPHATE"  ? 'C9 H14 N3 O8 P'  323.197 
G 'RNA linking' y "GUANOSINE-5'-MONOPHOSPHATE" ? 'C10 H14 N5 O8 P' 363.221 
U 'RNA linking' y "URIDINE-5'-MONOPHOSPHATE"   ? 'C9 H13 N2 O9 P'  324.181 
# 
loop_
_pdbx_poly_seq_scheme.asym_id 
_pdbx_poly_seq_scheme.entity_id 
_pdbx_poly_seq_scheme.seq_id 
_pdbx_poly_seq_scheme.mon_id 
_pdbx_poly_seq_scheme.ndb_seq_num 
_pdbx_poly_seq_scheme.pdb_seq_num 
_pdbx_poly_seq_scheme.auth_seq_num 
_pdbx_poly_seq_scheme.pdb_mon_id 
_pdbx_poly_seq_scheme.auth_mon_id 
_pdbx_poly_seq_scheme.pdb_strand_id 
_pdbx_poly_seq_scheme.pdb_ins_code 
_pdbx_poly_seq_scheme.hetero 
A 1 1  G 1  1  1  G G A . n 
A 1 2  G 2  2  2  G G A . n 
A 1 3  U 3  3  3  U U A . n 
A 1 4  G 4  4  4  G G A . n 
A 1 5  C 5  5  5  C C A . n 
A 1 6  G 6  6  6  G G A . n 
A 1 7  U 7  7  7  U U A . n 
A 1 8  A 8  8  8  A A A . n 
A 1 9  G 9  9  9  G G A . n 
A 1 10 C 10 10 10 C C A . n 
A 1 11 A 11 11 11 A A A . n 
A 1 12 C 12 12 12 C C A . n 
A 1 13 C 13 13 13 C C A . n 
# 
_cell.entry_id           1I46 
_cell.length_a           1.000 
_cell.length_b           1.000 
_cell.length_c           1.000 
_cell.angle_alpha        90.00 
_cell.angle_beta         90.00 
_cell.angle_gamma        90.00 
_cell.Z_PDB              1 
_cell.pdbx_unique_axis   ? 
# 
_symmetry.entry_id                         1I46 
_symmetry.space_group_name_H-M             'P 1' 
_symmetry.pdbx_full_space_group_name_H-M   ? 
_symmetry.cell_setting                     ? 
_symmetry.Int_Tables_number                1 
# 
_exptl.entry_id          1I46 
_exptl.method            'SOLUTION NMR' 
_exptl.crystals_number   ? 
# 
_struct.entry_id                  1I46 
_struct.title                     
;The solution structure of the mutant stem loop C 5'GUA3' triloop of brome mosaic virus (+) strand RNA
;
_struct.pdbx_model_details        ? 
_struct.pdbx_CASP_flag            ? 
_struct.pdbx_model_type_details   'minimized average' 
# 
_struct_keywords.entry_id        1I46 
_struct_keywords.pdbx_keywords   RNA 
_struct_keywords.text            'RNA, Triloop, Stem-Loop, Mutant, Replication, BMV' 
# 
_struct_asym.id                            A 
_struct_asym.pdbx_blank_PDB_chainid_flag   N 
_struct_asym.pdbx_modified                 N 
_struct_asym.entity_id                     1 
_struct_asym.details                       ? 
# 
_struct_ref.id                         1 
_struct_ref.entity_id                  1 
_struct_ref.db_name                    PDB 
_struct_ref.db_code                    1I46 
_struct_ref.pdbx_db_accession          1I46 
_struct_ref.pdbx_align_begin           ? 
_struct_ref.pdbx_seq_one_letter_code   ? 
_struct_ref.pdbx_db_isoform            ? 
# 
_struct_ref_seq.align_id                      1 
_struct_ref_seq.ref_id                        1 
_struct_ref_seq.pdbx_PDB_id_code              1I46 
_struct_ref_seq.pdbx_strand_id                A 
_struct_ref_seq.seq_align_beg                 1 
_struct_ref_seq.pdbx_seq_align_beg_ins_code   ? 
_struct_ref_seq.seq_align_end                 13 
_struct_ref_seq.pdbx_seq_align_end_ins_code   ? 
_struct_ref_seq.pdbx_db_accession             1I46 
_struct_ref_seq.db_align_beg                  1 
_struct_ref_seq.pdbx_db_align_beg_ins_code    ? 
_struct_ref_seq.db_align_end                  13 
_struct_ref_seq.pdbx_db_align_end_ins_code    ? 
_struct_ref_seq.pdbx_auth_seq_align_beg       1 
_struct_ref_seq.pdbx_auth_seq_align_end       13 
# 
_pdbx_struct_assembly.id                   1 
_pdbx_struct_assembly.details              author_defined_assembly 
_pdbx_struct_assembly.method_details       ? 
_pdbx_struct_assembly.oligomeric_details   monomeric 
_pdbx_struct_assembly.oligomeric_count     1 
# 
_pdbx_struct_assembly_gen.assembly_id       1 
_pdbx_struct_assembly_gen.oper_expression   1 
_pdbx_struct_assembly_gen.asym_id_list      A 
# 
_pdbx_struct_oper_list.id                   1 
_pdbx_struct_oper_list.type                 'identity operation' 
_pdbx_struct_oper_list.name                 1_555 
_pdbx_struct_oper_list.symmetry_operation   x,y,z 
_pdbx_struct_oper_list.matrix[1][1]         1.0000000000 
_pdbx_struct_oper_list.matrix[1][2]         0.0000000000 
_pdbx_struct_oper_list.matrix[1][3]         0.0000000000 
_pdbx_struct_oper_list.vector[1]            0.0000000000 
_pdbx_struct_oper_list.matrix[2][1]         0.0000000000 
_pdbx_struct_oper_list.matrix[2][2]         1.0000000000 
_pdbx_struct_oper_list.matrix[2][3]         0.0000000000 
_pdbx_struct_oper_list.vector[2]            0.0000000000 
_pdbx_struct_oper_list.matrix[3][1]         0.0000000000 
_pdbx_struct_oper_list.matrix[3][2]         0.0000000000 
_pdbx_struct_oper_list.matrix[3][3]         1.0000000000 
_pdbx_struct_oper_list.vector[3]            0.0000000000 
# 
_struct_biol.id        1 
_struct_biol.details   ? 
# 
loop_
_struct_conn.id 
_struct_conn.conn_type_id 
_struct_conn.pdbx_leaving_atom_flag 
_struct_conn.pdbx_PDB_id 
_struct_conn.ptnr1_label_asym_id 
_struct_conn.ptnr1_label_comp_id 
_struct_conn.ptnr1_label_seq_id 
_struct_conn.ptnr1_label_atom_id 
_struct_conn.pdbx_ptnr1_label_alt_id 
_struct_conn.pdbx_ptnr1_PDB_ins_code 
_struct_conn.pdbx_ptnr1_standard_comp_id 
_struct_conn.ptnr1_symmetry 
_struct_conn.ptnr2_label_asym_id 
_struct_conn.ptnr2_label_comp_id 
_struct_conn.ptnr2_label_seq_id 
_struct_conn.ptnr2_label_atom_id 
_struct_conn.pdbx_ptnr2_label_alt_id 
_struct_conn.pdbx_ptnr2_PDB_ins_code 
_struct_conn.ptnr1_auth_asym_id 
_struct_conn.ptnr1_auth_comp_id 
_struct_conn.ptnr1_auth_seq_id 
_struct_conn.ptnr2_auth_asym_id 
_struct_conn.ptnr2_auth_comp_id 
_struct_conn.ptnr2_auth_seq_id 
_struct_conn.ptnr2_symmetry 
_struct_conn.pdbx_ptnr3_label_atom_id 
_struct_conn.pdbx_ptnr3_label_seq_id 
_struct_conn.pdbx_ptnr3_label_comp_id 
_struct_conn.pdbx_ptnr3_label_asym_id 
_struct_conn.pdbx_ptnr3_label_alt_id 
_struct_conn.pdbx_ptnr3_PDB_ins_code 
_struct_conn.details 
_struct_conn.pdbx_dist_value 
_struct_conn.pdbx_value_order 
_struct_conn.pdbx_role 
hydrog1  hydrog ? ? A G 1 N1 ? ? ? 1_555 A C 13 N3 ? ? A G 1 A C 13 1_555 ? ? ? ? ? ? WATSON-CRICK ? ? ? 
hydrog2  hydrog ? ? A G 1 N2 ? ? ? 1_555 A C 13 O2 ? ? A G 1 A C 13 1_555 ? ? ? ? ? ? WATSON-CRICK ? ? ? 
hydrog3  hydrog ? ? A G 1 O6 ? ? ? 1_555 A C 13 N4 ? ? A G 1 A C 13 1_555 ? ? ? ? ? ? WATSON-CRICK ? ? ? 
hydrog4  hydrog ? ? A G 2 N1 ? ? ? 1_555 A C 12 N3 ? ? A G 2 A C 12 1_555 ? ? ? ? ? ? WATSON-CRICK ? ? ? 
hydrog5  hydrog ? ? A G 2 N2 ? ? ? 1_555 A C 12 O2 ? ? A G 2 A C 12 1_555 ? ? ? ? ? ? WATSON-CRICK ? ? ? 
hydrog6  hydrog ? ? A G 2 O6 ? ? ? 1_555 A C 12 N4 ? ? A G 2 A C 12 1_555 ? ? ? ? ? ? WATSON-CRICK ? ? ? 
hydrog7  hydrog ? ? A G 2 N1 ? ? ? 1_555 A C 13 O2 ? ? A G 2 A C 13 1_555 ? ? ? ? ? ? 'G-C PAIR'   ? ? ? 
hydrog8  hydrog ? ? A U 3 N3 ? ? ? 1_555 A A 11 N1 ? ? A U 3 A A 11 1_555 ? ? ? ? ? ? WATSON-CRICK ? ? ? 
hydrog9  hydrog ? ? A U 3 O4 ? ? ? 1_555 A A 11 N6 ? ? A U 3 A A 11 1_555 ? ? ? ? ? ? WATSON-CRICK ? ? ? 
hydrog10 hydrog ? ? A G 4 N1 ? ? ? 1_555 A C 10 N3 ? ? A G 4 A C 10 1_555 ? ? ? ? ? ? WATSON-CRICK ? ? ? 
hydrog11 hydrog ? ? A G 4 N2 ? ? ? 1_555 A C 10 O2 ? ? A G 4 A C 10 1_555 ? ? ? ? ? ? WATSON-CRICK ? ? ? 
hydrog12 hydrog ? ? A G 4 O6 ? ? ? 1_555 A C 10 N4 ? ? A G 4 A C 10 1_555 ? ? ? ? ? ? WATSON-CRICK ? ? ? 
hydrog13 hydrog ? ? A C 5 N3 ? ? ? 1_555 A G 9  N1 ? ? A C 5 A G 9  1_555 ? ? ? ? ? ? WATSON-CRICK ? ? ? 
hydrog14 hydrog ? ? A C 5 N4 ? ? ? 1_555 A G 9  O6 ? ? A C 5 A G 9  1_555 ? ? ? ? ? ? WATSON-CRICK ? ? ? 
hydrog15 hydrog ? ? A C 5 O2 ? ? ? 1_555 A G 9  N2 ? ? A C 5 A G 9  1_555 ? ? ? ? ? ? WATSON-CRICK ? ? ? 
# 
_struct_conn_type.id          hydrog 
_struct_conn_type.criteria    ? 
_struct_conn_type.reference   ? 
# 
_pdbx_validate_close_contact.id               1 
_pdbx_validate_close_contact.PDB_model_num    1 
_pdbx_validate_close_contact.auth_atom_id_1   "HO2'" 
_pdbx_validate_close_contact.auth_asym_id_1   A 
_pdbx_validate_close_contact.auth_comp_id_1   G 
_pdbx_validate_close_contact.auth_seq_id_1    1 
_pdbx_validate_close_contact.PDB_ins_code_1   ? 
_pdbx_validate_close_contact.label_alt_id_1   ? 
_pdbx_validate_close_contact.auth_atom_id_2   "O5'" 
_pdbx_validate_close_contact.auth_asym_id_2   A 
_pdbx_validate_close_contact.auth_comp_id_2   G 
_pdbx_validate_close_contact.auth_seq_id_2    2 
_pdbx_validate_close_contact.PDB_ins_code_2   ? 
_pdbx_validate_close_contact.label_alt_id_2   ? 
_pdbx_validate_close_contact.dist             1.52 
# 
_pdbx_nmr_ensemble.entry_id                                      1I46 
_pdbx_nmr_ensemble.conformers_calculated_total_number            ? 
_pdbx_nmr_ensemble.conformers_submitted_total_number             1 
_pdbx_nmr_ensemble.conformer_selection_criteria                  ? 
_pdbx_nmr_ensemble.average_constraints_per_residue               ? 
_pdbx_nmr_ensemble.average_constraint_violations_per_residue     ? 
_pdbx_nmr_ensemble.maximum_distance_constraint_violation         ? 
_pdbx_nmr_ensemble.average_distance_constraint_violation         ? 
_pdbx_nmr_ensemble.maximum_upper_distance_constraint_violation   ? 
_pdbx_nmr_ensemble.maximum_lower_distance_constraint_violation   ? 
_pdbx_nmr_ensemble.distance_constraint_violation_method          ? 
_pdbx_nmr_ensemble.maximum_torsion_angle_constraint_violation    ? 
_pdbx_nmr_ensemble.average_torsion_angle_constraint_violation    ? 
_pdbx_nmr_ensemble.torsion_angle_constraint_violation_method     ? 
# 
_pdbx_nmr_representative.entry_id             1I46 
_pdbx_nmr_representative.conformer_id         1 
_pdbx_nmr_representative.selection_criteria   'minimized average structure' 
# 
_pdbx_nmr_sample_details.solution_id      1 
_pdbx_nmr_sample_details.contents         
;The 5'GUA3' triloop mutant in 5 mM NaPhosphate buffer pH=6.5
;
_pdbx_nmr_sample_details.solvent_system   '5mM Sodium Phosphate buffer pH 6.5, O.1 mM EDTA' 
# 
_pdbx_nmr_exptl_sample_conditions.conditions_id       1 
_pdbx_nmr_exptl_sample_conditions.temperature         283 
_pdbx_nmr_exptl_sample_conditions.pressure            ambient 
_pdbx_nmr_exptl_sample_conditions.pH                  6.5 
_pdbx_nmr_exptl_sample_conditions.ionic_strength      '5mM NaCl' 
_pdbx_nmr_exptl_sample_conditions.pressure_units      ? 
_pdbx_nmr_exptl_sample_conditions.temperature_units   K 
# 
_pdbx_nmr_refine.entry_id           1I46 
_pdbx_nmr_refine.method             'simulated annealing molecular dynamics' 
_pdbx_nmr_refine.details            ? 
_pdbx_nmr_refine.software_ordinal   1 
# 
loop_
_pdbx_nmr_software.name 
_pdbx_nmr_software.version 
_pdbx_nmr_software.classification 
_pdbx_nmr_software.authors 
_pdbx_nmr_software.ordinal 
Felix  95  'data analysis'      ?             1 
X-PLOR 3.1 'structure solution' 'Brunger, A.' 2 
X-PLOR 3.1 refinement           'Brunger, A.' 3 
# 
loop_
_chem_comp_atom.comp_id 
_chem_comp_atom.atom_id 
_chem_comp_atom.type_symbol 
_chem_comp_atom.pdbx_aromatic_flag 
_chem_comp_atom.pdbx_stereo_config 
_chem_comp_atom.pdbx_ordinal 
A OP3    O N N 1   
A P      P N N 2   
A OP1    O N N 3   
A OP2    O N N 4   
A "O5'"  O N N 5   
A "C5'"  C N N 6   
A "C4'"  C N R 7   
A "O4'"  O N N 8   
A "C3'"  C N S 9   
A "O3'"  O N N 10  
A "C2'"  C N R 11  
A "O2'"  O N N 12  
A "C1'"  C N R 13  
A N9     N Y N 14  
A C8     C Y N 15  
A N7     N Y N 16  
A C5     C Y N 17  
A C6     C Y N 18  
A N6     N N N 19  
A N1     N Y N 20  
A C2     C Y N 21  
A N3     N Y N 22  
A C4     C Y N 23  
A HOP3   H N N 24  
A HOP2   H N N 25  
A "H5'"  H N N 26  
A "H5''" H N N 27  
A "H4'"  H N N 28  
A "H3'"  H N N 29  
A "HO3'" H N N 30  
A "H2'"  H N N 31  
A "HO2'" H N N 32  
A "H1'"  H N N 33  
A H8     H N N 34  
A H61    H N N 35  
A H62    H N N 36  
A H2     H N N 37  
C OP3    O N N 38  
C P      P N N 39  
C OP1    O N N 40  
C OP2    O N N 41  
C "O5'"  O N N 42  
C "C5'"  C N N 43  
C "C4'"  C N R 44  
C "O4'"  O N N 45  
C "C3'"  C N S 46  
C "O3'"  O N N 47  
C "C2'"  C N R 48  
C "O2'"  O N N 49  
C "C1'"  C N R 50  
C N1     N N N 51  
C C2     C N N 52  
C O2     O N N 53  
C N3     N N N 54  
C C4     C N N 55  
C N4     N N N 56  
C C5     C N N 57  
C C6     C N N 58  
C HOP3   H N N 59  
C HOP2   H N N 60  
C "H5'"  H N N 61  
C "H5''" H N N 62  
C "H4'"  H N N 63  
C "H3'"  H N N 64  
C "HO3'" H N N 65  
C "H2'"  H N N 66  
C "HO2'" H N N 67  
C "H1'"  H N N 68  
C H41    H N N 69  
C H42    H N N 70  
C H5     H N N 71  
C H6     H N N 72  
G OP3    O N N 73  
G P      P N N 74  
G OP1    O N N 75  
G OP2    O N N 76  
G "O5'"  O N N 77  
G "C5'"  C N N 78  
G "C4'"  C N R 79  
G "O4'"  O N N 80  
G "C3'"  C N S 81  
G "O3'"  O N N 82  
G "C2'"  C N R 83  
G "O2'"  O N N 84  
G "C1'"  C N R 85  
G N9     N Y N 86  
G C8     C Y N 87  
G N7     N Y N 88  
G C5     C Y N 89  
G C6     C N N 90  
G O6     O N N 91  
G N1     N N N 92  
G C2     C N N 93  
G N2     N N N 94  
G N3     N N N 95  
G C4     C Y N 96  
G HOP3   H N N 97  
G HOP2   H N N 98  
G "H5'"  H N N 99  
G "H5''" H N N 100 
G "H4'"  H N N 101 
G "H3'"  H N N 102 
G "HO3'" H N N 103 
G "H2'"  H N N 104 
G "HO2'" H N N 105 
G "H1'"  H N N 106 
G H8     H N N 107 
G H1     H N N 108 
G H21    H N N 109 
G H22    H N N 110 
U OP3    O N N 111 
U P      P N N 112 
U OP1    O N N 113 
U OP2    O N N 114 
U "O5'"  O N N 115 
U "C5'"  C N N 116 
U "C4'"  C N R 117 
U "O4'"  O N N 118 
U "C3'"  C N S 119 
U "O3'"  O N N 120 
U "C2'"  C N R 121 
U "O2'"  O N N 122 
U "C1'"  C N R 123 
U N1     N N N 124 
U C2     C N N 125 
U O2     O N N 126 
U N3     N N N 127 
U C4     C N N 128 
U O4     O N N 129 
U C5     C N N 130 
U C6     C N N 131 
U HOP3   H N N 132 
U HOP2   H N N 133 
U "H5'"  H N N 134 
U "H5''" H N N 135 
U "H4'"  H N N 136 
U "H3'"  H N N 137 
U "HO3'" H N N 138 
U "H2'"  H N N 139 
U "HO2'" H N N 140 
U "H1'"  H N N 141 
U H3     H N N 142 
U H5     H N N 143 
U H6     H N N 144 
# 
loop_
_chem_comp_bond.comp_id 
_chem_comp_bond.atom_id_1 
_chem_comp_bond.atom_id_2 
_chem_comp_bond.value_order 
_chem_comp_bond.pdbx_aromatic_flag 
_chem_comp_bond.pdbx_stereo_config 
_chem_comp_bond.pdbx_ordinal 
A OP3   P      sing N N 1   
A OP3   HOP3   sing N N 2   
A P     OP1    doub N N 3   
A P     OP2    sing N N 4   
A P     "O5'"  sing N N 5   
A OP2   HOP2   sing N N 6   
A "O5'" "C5'"  sing N N 7   
A "C5'" "C4'"  sing N N 8   
A "C5'" "H5'"  sing N N 9   
A "C5'" "H5''" sing N N 10  
A "C4'" "O4'"  sing N N 11  
A "C4'" "C3'"  sing N N 12  
A "C4'" "H4'"  sing N N 13  
A "O4'" "C1'"  sing N N 14  
A "C3'" "O3'"  sing N N 15  
A "C3'" "C2'"  sing N N 16  
A "C3'" "H3'"  sing N N 17  
A "O3'" "HO3'" sing N N 18  
A "C2'" "O2'"  sing N N 19  
A "C2'" "C1'"  sing N N 20  
A "C2'" "H2'"  sing N N 21  
A "O2'" "HO2'" sing N N 22  
A "C1'" N9     sing N N 23  
A "C1'" "H1'"  sing N N 24  
A N9    C8     sing Y N 25  
A N9    C4     sing Y N 26  
A C8    N7     doub Y N 27  
A C8    H8     sing N N 28  
A N7    C5     sing Y N 29  
A C5    C6     sing Y N 30  
A C5    C4     doub Y N 31  
A C6    N6     sing N N 32  
A C6    N1     doub Y N 33  
A N6    H61    sing N N 34  
A N6    H62    sing N N 35  
A N1    C2     sing Y N 36  
A C2    N3     doub Y N 37  
A C2    H2     sing N N 38  
A N3    C4     sing Y N 39  
C OP3   P      sing N N 40  
C OP3   HOP3   sing N N 41  
C P     OP1    doub N N 42  
C P     OP2    sing N N 43  
C P     "O5'"  sing N N 44  
C OP2   HOP2   sing N N 45  
C "O5'" "C5'"  sing N N 46  
C "C5'" "C4'"  sing N N 47  
C "C5'" "H5'"  sing N N 48  
C "C5'" "H5''" sing N N 49  
C "C4'" "O4'"  sing N N 50  
C "C4'" "C3'"  sing N N 51  
C "C4'" "H4'"  sing N N 52  
C "O4'" "C1'"  sing N N 53  
C "C3'" "O3'"  sing N N 54  
C "C3'" "C2'"  sing N N 55  
C "C3'" "H3'"  sing N N 56  
C "O3'" "HO3'" sing N N 57  
C "C2'" "O2'"  sing N N 58  
C "C2'" "C1'"  sing N N 59  
C "C2'" "H2'"  sing N N 60  
C "O2'" "HO2'" sing N N 61  
C "C1'" N1     sing N N 62  
C "C1'" "H1'"  sing N N 63  
C N1    C2     sing N N 64  
C N1    C6     sing N N 65  
C C2    O2     doub N N 66  
C C2    N3     sing N N 67  
C N3    C4     doub N N 68  
C C4    N4     sing N N 69  
C C4    C5     sing N N 70  
C N4    H41    sing N N 71  
C N4    H42    sing N N 72  
C C5    C6     doub N N 73  
C C5    H5     sing N N 74  
C C6    H6     sing N N 75  
G OP3   P      sing N N 76  
G OP3   HOP3   sing N N 77  
G P     OP1    doub N N 78  
G P     OP2    sing N N 79  
G P     "O5'"  sing N N 80  
G OP2   HOP2   sing N N 81  
G "O5'" "C5'"  sing N N 82  
G "C5'" "C4'"  sing N N 83  
G "C5'" "H5'"  sing N N 84  
G "C5'" "H5''" sing N N 85  
G "C4'" "O4'"  sing N N 86  
G "C4'" "C3'"  sing N N 87  
G "C4'" "H4'"  sing N N 88  
G "O4'" "C1'"  sing N N 89  
G "C3'" "O3'"  sing N N 90  
G "C3'" "C2'"  sing N N 91  
G "C3'" "H3'"  sing N N 92  
G "O3'" "HO3'" sing N N 93  
G "C2'" "O2'"  sing N N 94  
G "C2'" "C1'"  sing N N 95  
G "C2'" "H2'"  sing N N 96  
G "O2'" "HO2'" sing N N 97  
G "C1'" N9     sing N N 98  
G "C1'" "H1'"  sing N N 99  
G N9    C8     sing Y N 100 
G N9    C4     sing Y N 101 
G C8    N7     doub Y N 102 
G C8    H8     sing N N 103 
G N7    C5     sing Y N 104 
G C5    C6     sing N N 105 
G C5    C4     doub Y N 106 
G C6    O6     doub N N 107 
G C6    N1     sing N N 108 
G N1    C2     sing N N 109 
G N1    H1     sing N N 110 
G C2    N2     sing N N 111 
G C2    N3     doub N N 112 
G N2    H21    sing N N 113 
G N2    H22    sing N N 114 
G N3    C4     sing N N 115 
U OP3   P      sing N N 116 
U OP3   HOP3   sing N N 117 
U P     OP1    doub N N 118 
U P     OP2    sing N N 119 
U P     "O5'"  sing N N 120 
U OP2   HOP2   sing N N 121 
U "O5'" "C5'"  sing N N 122 
U "C5'" "C4'"  sing N N 123 
U "C5'" "H5'"  sing N N 124 
U "C5'" "H5''" sing N N 125 
U "C4'" "O4'"  sing N N 126 
U "C4'" "C3'"  sing N N 127 
U "C4'" "H4'"  sing N N 128 
U "O4'" "C1'"  sing N N 129 
U "C3'" "O3'"  sing N N 130 
U "C3'" "C2'"  sing N N 131 
U "C3'" "H3'"  sing N N 132 
U "O3'" "HO3'" sing N N 133 
U "C2'" "O2'"  sing N N 134 
U "C2'" "C1'"  sing N N 135 
U "C2'" "H2'"  sing N N 136 
U "O2'" "HO2'" sing N N 137 
U "C1'" N1     sing N N 138 
U "C1'" "H1'"  sing N N 139 
U N1    C2     sing N N 140 
U N1    C6     sing N N 141 
U C2    O2     doub N N 142 
U C2    N3     sing N N 143 
U N3    C4     sing N N 144 
U N3    H3     sing N N 145 
U C4    O4     doub N N 146 
U C4    C5     sing N N 147 
U C5    C6     doub N N 148 
U C5    H5     sing N N 149 
U C6    H6     sing N N 150 
# 
loop_
_ndb_struct_conf_na.entry_id 
_ndb_struct_conf_na.feature 
1I46 'double helix' 
1I46 'hairpin loop' 
# 
loop_
_ndb_struct_na_base_pair.model_number 
_ndb_struct_na_base_pair.i_label_asym_id 
_ndb_struct_na_base_pair.i_label_comp_id 
_ndb_struct_na_base_pair.i_label_seq_id 
_ndb_struct_na_base_pair.i_symmetry 
_ndb_struct_na_base_pair.j_label_asym_id 
_ndb_struct_na_base_pair.j_label_comp_id 
_ndb_struct_na_base_pair.j_label_seq_id 
_ndb_struct_na_base_pair.j_symmetry 
_ndb_struct_na_base_pair.shear 
_ndb_struct_na_base_pair.stretch 
_ndb_struct_na_base_pair.stagger 
_ndb_struct_na_base_pair.buckle 
_ndb_struct_na_base_pair.propeller 
_ndb_struct_na_base_pair.opening 
_ndb_struct_na_base_pair.pair_number 
_ndb_struct_na_base_pair.pair_name 
_ndb_struct_na_base_pair.i_auth_asym_id 
_ndb_struct_na_base_pair.i_auth_seq_id 
_ndb_struct_na_base_pair.i_PDB_ins_code 
_ndb_struct_na_base_pair.j_auth_asym_id 
_ndb_struct_na_base_pair.j_auth_seq_id 
_ndb_struct_na_base_pair.j_PDB_ins_code 
_ndb_struct_na_base_pair.hbond_type_28 
_ndb_struct_na_base_pair.hbond_type_12 
1 A G 1 1_555 A C 13 1_555 0.043  -0.479 -1.437 -13.573 -4.925  -3.552 1 A_G1:C13_A A 1 ? A 13 ? 19 1 
1 A G 2 1_555 A C 12 1_555 -0.152 -0.030 -0.418 -15.149 -7.673  -5.248 2 A_G2:C12_A A 2 ? A 12 ? 19 1 
1 A U 3 1_555 A A 11 1_555 -0.228 -0.340 -0.474 11.986  -36.292 -7.536 3 A_U3:A11_A A 3 ? A 11 ? 20 1 
1 A G 4 1_555 A C 10 1_555 -0.132 -0.168 -0.297 -0.498  -17.970 0.055  4 A_G4:C10_A A 4 ? A 10 ? 19 1 
1 A C 5 1_555 A G 9  1_555 0.387  -0.420 -0.774 5.122   -26.912 7.999  5 A_C5:G9_A  A 5 ? A 9  ? 19 1 
# 
loop_
_ndb_struct_na_base_pair_step.model_number 
_ndb_struct_na_base_pair_step.i_label_asym_id_1 
_ndb_struct_na_base_pair_step.i_label_comp_id_1 
_ndb_struct_na_base_pair_step.i_label_seq_id_1 
_ndb_struct_na_base_pair_step.i_symmetry_1 
_ndb_struct_na_base_pair_step.j_label_asym_id_1 
_ndb_struct_na_base_pair_step.j_label_comp_id_1 
_ndb_struct_na_base_pair_step.j_label_seq_id_1 
_ndb_struct_na_base_pair_step.j_symmetry_1 
_ndb_struct_na_base_pair_step.i_label_asym_id_2 
_ndb_struct_na_base_pair_step.i_label_comp_id_2 
_ndb_struct_na_base_pair_step.i_label_seq_id_2 
_ndb_struct_na_base_pair_step.i_symmetry_2 
_ndb_struct_na_base_pair_step.j_label_asym_id_2 
_ndb_struct_na_base_pair_step.j_label_comp_id_2 
_ndb_struct_na_base_pair_step.j_label_seq_id_2 
_ndb_struct_na_base_pair_step.j_symmetry_2 
_ndb_struct_na_base_pair_step.shift 
_ndb_struct_na_base_pair_step.slide 
_ndb_struct_na_base_pair_step.rise 
_ndb_struct_na_base_pair_step.tilt 
_ndb_struct_na_base_pair_step.roll 
_ndb_struct_na_base_pair_step.twist 
_ndb_struct_na_base_pair_step.x_displacement 
_ndb_struct_na_base_pair_step.y_displacement 
_ndb_struct_na_base_pair_step.helical_rise 
_ndb_struct_na_base_pair_step.inclination 
_ndb_struct_na_base_pair_step.tip 
_ndb_struct_na_base_pair_step.helical_twist 
_ndb_struct_na_base_pair_step.step_number 
_ndb_struct_na_base_pair_step.step_name 
_ndb_struct_na_base_pair_step.i_auth_asym_id_1 
_ndb_struct_na_base_pair_step.i_auth_seq_id_1 
_ndb_struct_na_base_pair_step.i_PDB_ins_code_1 
_ndb_struct_na_base_pair_step.j_auth_asym_id_1 
_ndb_struct_na_base_pair_step.j_auth_seq_id_1 
_ndb_struct_na_base_pair_step.j_PDB_ins_code_1 
_ndb_struct_na_base_pair_step.i_auth_asym_id_2 
_ndb_struct_na_base_pair_step.i_auth_seq_id_2 
_ndb_struct_na_base_pair_step.i_PDB_ins_code_2 
_ndb_struct_na_base_pair_step.j_auth_asym_id_2 
_ndb_struct_na_base_pair_step.j_auth_seq_id_2 
_ndb_struct_na_base_pair_step.j_PDB_ins_code_2 
1 A G 1 1_555 A C 13 1_555 A G 2 1_555 A C 12 1_555 -1.538 -0.817 3.314 -8.672 9.850  31.551 -3.022 1.189  3.223 17.213 15.154  
34.108 1 AA_G1G2:C12C13_AA A 1 ? A 13 ? A 2 ? A 12 ? 
1 A G 2 1_555 A C 12 1_555 A U 3 1_555 A A 11 1_555 -0.670 -0.512 2.587 2.375  -1.436 28.395 -0.782 1.786  2.546 -2.919 -4.827  
28.527 2 AA_G2U3:A11C12_AA A 2 ? A 12 ? A 3 ? A 11 ? 
1 A U 3 1_555 A A 11 1_555 A G 4 1_555 A C 10 1_555 0.784  -0.210 3.844 -3.148 21.463 34.396 -3.091 -1.542 3.118 32.595 4.780   
40.489 3 AA_U3G4:C10A11_AA A 3 ? A 11 ? A 4 ? A 10 ? 
1 A G 4 1_555 A C 10 1_555 A C 5 1_555 A G 9  1_555 1.139  -0.380 2.678 11.981 2.422  39.389 -0.767 -0.495 2.864 3.492  -17.277 
41.170 4 AA_G4C5:G9C10_AA  A 4 ? A 10 ? A 5 ? A 9  ? 
# 
loop_
_pdbx_nmr_spectrometer.spectrometer_id 
_pdbx_nmr_spectrometer.type 
_pdbx_nmr_spectrometer.manufacturer 
_pdbx_nmr_spectrometer.model 
_pdbx_nmr_spectrometer.field_strength 
1 ? Bruker AVANCE 500 
2 ? Bruker AMX    600 
# 
_atom_sites.entry_id                    1I46 
_atom_sites.fract_transf_matrix[1][1]   1.000000 
_atom_sites.fract_transf_matrix[1][2]   0.000000 
_atom_sites.fract_transf_matrix[1][3]   0.000000 
_atom_sites.fract_transf_matrix[2][1]   0.000000 
_atom_sites.fract_transf_matrix[2][2]   1.000000 
_atom_sites.fract_transf_matrix[2][3]   0.000000 
_atom_sites.fract_transf_matrix[3][1]   0.000000 
_atom_sites.fract_transf_matrix[3][2]   0.000000 
_atom_sites.fract_transf_matrix[3][3]   1.000000 
_atom_sites.fract_transf_vector[1]      0.00000 
_atom_sites.fract_transf_vector[2]      0.00000 
_atom_sites.fract_transf_vector[3]      0.00000 
# 
loop_
_atom_type.symbol 
C 
H 
N 
O 
P 
# 
loop_
_atom_site.group_PDB 
_atom_site.id 
_atom_site.type_symbol 
_atom_site.label_atom_id 
_atom_site.label_alt_id 
_atom_site.label_comp_id 
_atom_site.label_asym_id 
_atom_site.label_entity_id 
_atom_site.label_seq_id 
_atom_site.pdbx_PDB_ins_code 
_atom_site.Cartn_x 
_atom_site.Cartn_y 
_atom_site.Cartn_z 
_atom_site.occupancy 
_atom_site.B_iso_or_equiv 
_atom_site.pdbx_formal_charge 
_atom_site.auth_seq_id 
_atom_site.auth_comp_id 
_atom_site.auth_asym_id 
_atom_site.auth_atom_id 
_atom_site.pdbx_PDB_model_num 
ATOM 1   O "O5'"  . G A 1 1  ? -9.821  -0.909  -8.299 1.00 3.84 ? 1  G A "O5'"  1 
ATOM 2   C "C5'"  . G A 1 1  ? -10.825 -1.759  -7.741 1.00 3.89 ? 1  G A "C5'"  1 
ATOM 3   C "C4'"  . G A 1 1  ? -10.229 -2.744  -6.741 1.00 3.65 ? 1  G A "C4'"  1 
ATOM 4   O "O4'"  . G A 1 1  ? -9.175  -3.467  -7.359 1.00 3.63 ? 1  G A "O4'"  1 
ATOM 5   C "C3'"  . G A 1 1  ? -9.564  -2.106  -5.532 1.00 3.31 ? 1  G A "C3'"  1 
ATOM 6   O "O3'"  . G A 1 1  ? -10.515 -2.150  -4.465 1.00 3.32 ? 1  G A "O3'"  1 
ATOM 7   C "C2'"  . G A 1 1  ? -8.428  -3.064  -5.155 1.00 3.22 ? 1  G A "C2'"  1 
ATOM 8   O "O2'"  . G A 1 1  ? -8.760  -3.778  -3.961 1.00 3.34 ? 1  G A "O2'"  1 
ATOM 9   C "C1'"  . G A 1 1  ? -8.340  -4.025  -6.346 1.00 3.39 ? 1  G A "C1'"  1 
ATOM 10  N N9     . G A 1 1  ? -6.964  -4.134  -6.871 1.00 3.21 ? 1  G A N9     1 
ATOM 11  C C8     . G A 1 1  ? -6.369  -3.413  -7.872 1.00 3.34 ? 1  G A C8     1 
ATOM 12  N N7     . G A 1 1  ? -5.128  -3.745  -8.091 1.00 3.24 ? 1  G A N7     1 
ATOM 13  C C5     . G A 1 1  ? -4.882  -4.758  -7.169 1.00 2.99 ? 1  G A C5     1 
ATOM 14  C C6     . G A 1 1  ? -3.700  -5.512  -6.933 1.00 2.86 ? 1  G A C6     1 
ATOM 15  O O6     . G A 1 1  ? -2.613  -5.423  -7.501 1.00 2.88 ? 1  G A O6     1 
ATOM 16  N N1     . G A 1 1  ? -3.876  -6.436  -5.914 1.00 2.88 ? 1  G A N1     1 
ATOM 17  C C2     . G A 1 1  ? -5.044  -6.615  -5.206 1.00 3.08 ? 1  G A C2     1 
ATOM 18  N N2     . G A 1 1  ? -5.036  -7.548  -4.250 1.00 3.36 ? 1  G A N2     1 
ATOM 19  N N3     . G A 1 1  ? -6.159  -5.913  -5.420 1.00 3.14 ? 1  G A N3     1 
ATOM 20  C C4     . G A 1 1  ? -6.003  -5.006  -6.415 1.00 3.05 ? 1  G A C4     1 
ATOM 21  H "H5'"  . G A 1 1  ? -11.307 -2.316  -8.545 1.00 4.16 ? 1  G A "H5'"  1 
ATOM 22  H "H5''" . G A 1 1  ? -11.570 -1.145  -7.236 1.00 3.93 ? 1  G A "H5''" 1 
ATOM 23  H "H4'"  . G A 1 1  ? -11.006 -3.442  -6.428 1.00 3.79 ? 1  G A "H4'"  1 
ATOM 24  H "H3'"  . G A 1 1  ? -9.218  -1.091  -5.716 1.00 3.25 ? 1  G A "H3'"  1 
ATOM 25  H "H2'"  . G A 1 1  ? -7.491  -2.520  -5.032 1.00 3.06 ? 1  G A "H2'"  1 
ATOM 26  H "HO2'" . G A 1 1  ? -9.114  -3.141  -3.336 1.00 3.38 ? 1  G A "HO2'" 1 
ATOM 27  H "H1'"  . G A 1 1  ? -8.705  -5.017  -6.079 1.00 3.56 ? 1  G A "H1'"  1 
ATOM 28  H H8     . G A 1 1  ? -6.886  -2.633  -8.432 1.00 3.60 ? 1  G A H8     1 
ATOM 29  H H1     . G A 1 1  ? -3.085  -7.020  -5.682 1.00 2.89 ? 1  G A H1     1 
ATOM 30  H H21    . G A 1 1  ? -4.217  -8.121  -4.110 1.00 3.40 ? 1  G A H21    1 
ATOM 31  H H22    . G A 1 1  ? -5.851  -7.681  -3.668 1.00 3.63 ? 1  G A H22    1 
ATOM 32  H "HO5'" . G A 1 1  ? -9.014  -1.425  -8.359 1.00 3.97 ? 1  G A "HO5'" 1 
ATOM 33  P P      . G A 1 2  ? -10.299 -1.258  -3.143 1.00 3.08 ? 2  G A P      1 
ATOM 34  O OP1    . G A 1 2  ? -11.628 -0.966  -2.559 1.00 3.21 ? 2  G A OP1    1 
ATOM 35  O OP2    . G A 1 2  ? -9.382  -0.146  -3.480 1.00 2.96 ? 2  G A OP2    1 
ATOM 36  O "O5'"  . G A 1 2  ? -9.522  -2.271  -2.159 1.00 2.91 ? 2  G A "O5'"  1 
ATOM 37  C "C5'"  . G A 1 2  ? -10.237 -3.288  -1.450 1.00 3.04 ? 2  G A "C5'"  1 
ATOM 38  C "C4'"  . G A 1 2  ? -9.344  -4.010  -0.442 1.00 2.89 ? 2  G A "C4'"  1 
ATOM 39  O "O4'"  . G A 1 2  ? -8.483  -4.918  -1.137 1.00 2.87 ? 2  G A "O4'"  1 
ATOM 40  C "C3'"  . G A 1 2  ? -8.388  -3.117  0.329  1.00 2.62 ? 2  G A "C3'"  1 
ATOM 41  O "O3'"  . G A 1 2  ? -9.046  -2.733  1.539  1.00 2.68 ? 2  G A "O3'"  1 
ATOM 42  C "C2'"  . G A 1 2  ? -7.268  -4.069  0.715  1.00 2.53 ? 2  G A "C2'"  1 
ATOM 43  O "O2'"  . G A 1 2  ? -7.628  -4.828  1.874  1.00 2.68 ? 2  G A "O2'"  1 
ATOM 44  C "C1'"  . G A 1 2  ? -7.187  -4.973  -0.514 1.00 2.66 ? 2  G A "C1'"  1 
ATOM 45  N N9     . G A 1 2  ? -6.177  -4.509  -1.481 1.00 2.48 ? 2  G A N9     1 
ATOM 46  C C8     . G A 1 2  ? -6.337  -3.661  -2.547 1.00 2.48 ? 2  G A C8     1 
ATOM 47  N N7     . G A 1 2  ? -5.241  -3.458  -3.223 1.00 2.32 ? 2  G A N7     1 
ATOM 48  C C5     . G A 1 2  ? -4.287  -4.220  -2.557 1.00 2.22 ? 2  G A C5     1 
ATOM 49  C C6     . G A 1 2  ? -2.901  -4.396  -2.832 1.00 2.07 ? 2  G A C6     1 
ATOM 50  O O6     . G A 1 2  ? -2.235  -3.902  -3.740 1.00 1.99 ? 2  G A O6     1 
ATOM 51  N N1     . G A 1 2  ? -2.302  -5.247  -1.916 1.00 2.08 ? 2  G A N1     1 
ATOM 52  C C2     . G A 1 2  ? -2.947  -5.857  -0.864 1.00 2.21 ? 2  G A C2     1 
ATOM 53  N N2     . G A 1 2  ? -2.212  -6.638  -0.073 1.00 2.26 ? 2  G A N2     1 
ATOM 54  N N3     . G A 1 2  ? -4.247  -5.701  -0.597 1.00 2.33 ? 2  G A N3     1 
ATOM 55  C C4     . G A 1 2  ? -4.850  -4.869  -1.485 1.00 2.32 ? 2  G A C4     1 
ATOM 56  H "H5'"  . G A 1 2  ? -10.624 -4.014  -2.165 1.00 3.24 ? 2  G A "H5'"  1 
ATOM 57  H "H5''" . G A 1 2  ? -11.073 -2.831  -0.921 1.00 3.09 ? 2  G A "H5''" 1 
ATOM 58  H "H4'"  . G A 1 2  ? -9.975  -4.577  0.244  1.00 3.04 ? 2  G A "H4'"  1 
ATOM 59  H "H3'"  . G A 1 2  ? -8.047  -2.253  -0.241 1.00 2.51 ? 2  G A "H3'"  1 
ATOM 60  H "H2'"  . G A 1 2  ? -6.331  -3.531  0.869  1.00 2.33 ? 2  G A "H2'"  1 
ATOM 61  H "HO2'" . G A 1 2  ? -6.814  -5.141  2.275  1.00 2.63 ? 2  G A "HO2'" 1 
ATOM 62  H "H1'"  . G A 1 2  ? -6.966  -6.001  -0.227 1.00 2.78 ? 2  G A "H1'"  1 
ATOM 63  H H8     . G A 1 2  ? -7.291  -3.195  -2.800 1.00 2.63 ? 2  G A H8     1 
ATOM 64  H H1     . G A 1 2  ? -1.315  -5.429  -2.035 1.00 2.03 ? 2  G A H1     1 
ATOM 65  H H21    . G A 1 2  ? -1.220  -6.738  -0.240 1.00 2.22 ? 2  G A H21    1 
ATOM 66  H H22    . G A 1 2  ? -2.646  -7.130  0.695  1.00 2.37 ? 2  G A H22    1 
ATOM 67  P P      . U A 1 3  ? -8.385  -1.633  2.511  1.00 2.50 ? 3  U A P      1 
ATOM 68  O OP1    . U A 1 3  ? -9.323  -1.377  3.626  1.00 2.68 ? 3  U A OP1    1 
ATOM 69  O OP2    . U A 1 3  ? -7.906  -0.508  1.677  1.00 2.37 ? 3  U A OP2    1 
ATOM 70  O "O5'"  . U A 1 3  ? -7.101  -2.409  3.098  1.00 2.33 ? 3  U A "O5'"  1 
ATOM 71  C "C5'"  . U A 1 3  ? -7.222  -3.227  4.264  1.00 2.46 ? 3  U A "C5'"  1 
ATOM 72  C "C4'"  . U A 1 3  ? -5.948  -4.025  4.532  1.00 2.30 ? 3  U A "C4'"  1 
ATOM 73  O "O4'"  . U A 1 3  ? -5.420  -4.519  3.299  1.00 2.28 ? 3  U A "O4'"  1 
ATOM 74  C "C3'"  . U A 1 3  ? -4.807  -3.233  5.125  1.00 2.03 ? 3  U A "C3'"  1 
ATOM 75  O "O3'"  . U A 1 3  ? -4.950  -3.312  6.547  1.00 2.10 ? 3  U A "O3'"  1 
ATOM 76  C "C2'"  . U A 1 3  ? -3.592  -4.064  4.738  1.00 1.94 ? 3  U A "C2'"  1 
ATOM 77  O "O2'"  . U A 1 3  ? -3.402  -5.139  5.660  1.00 2.08 ? 3  U A "O2'"  1 
ATOM 78  C "C1'"  . U A 1 3  ? -3.985  -4.599  3.360  1.00 2.05 ? 3  U A "C1'"  1 
ATOM 79  N N1     . U A 1 3  ? -3.427  -3.766  2.267  1.00 1.88 ? 3  U A N1     1 
ATOM 80  C C2     . U A 1 3  ? -2.277  -4.198  1.620  1.00 1.79 ? 3  U A C2     1 
ATOM 81  O O2     . U A 1 3  ? -1.688  -5.231  1.933  1.00 1.89 ? 3  U A O2     1 
ATOM 82  N N3     . U A 1 3  ? -1.813  -3.383  0.606  1.00 1.65 ? 3  U A N3     1 
ATOM 83  C C4     . U A 1 3  ? -2.384  -2.196  0.188  1.00 1.60 ? 3  U A C4     1 
ATOM 84  O O4     . U A 1 3  ? -1.874  -1.558  -0.730 1.00 1.51 ? 3  U A O4     1 
ATOM 85  C C5     . U A 1 3  ? -3.574  -1.814  0.912  1.00 1.74 ? 3  U A C5     1 
ATOM 86  C C6     . U A 1 3  ? -4.045  -2.601  1.911  1.00 1.86 ? 3  U A C6     1 
ATOM 87  H "H5'"  . U A 1 3  ? -8.053  -3.920  4.127  1.00 2.66 ? 3  U A "H5'"  1 
ATOM 88  H "H5''" . U A 1 3  ? -7.428  -2.591  5.125  1.00 2.51 ? 3  U A "H5''" 1 
ATOM 89  H "H4'"  . U A 1 3  ? -6.186  -4.865  5.175  1.00 2.44 ? 3  U A "H4'"  1 
ATOM 90  H "H3'"  . U A 1 3  ? -4.762  -2.201  4.776  1.00 1.93 ? 3  U A "H3'"  1 
ATOM 91  H "H2'"  . U A 1 3  ? -2.706  -3.446  4.665  1.00 1.74 ? 3  U A "H2'"  1 
ATOM 92  H "HO2'" . U A 1 3  ? -3.058  -4.761  6.472  1.00 2.05 ? 3  U A "HO2'" 1 
ATOM 93  H "H1'"  . U A 1 3  ? -3.676  -5.640  3.238  1.00 2.15 ? 3  U A "H1'"  1 
ATOM 94  H H3     . U A 1 3  ? -0.981  -3.685  0.122  1.00 1.61 ? 3  U A H3     1 
ATOM 95  H H5     . U A 1 3  ? -4.096  -0.892  0.654  1.00 1.78 ? 3  U A H5     1 
ATOM 96  H H6     . U A 1 3  ? -4.934  -2.292  2.457  1.00 1.98 ? 3  U A H6     1 
ATOM 97  P P      . G A 1 4  ? -4.828  -1.991  7.459  1.00 1.97 ? 4  G A P      1 
ATOM 98  O OP1    . G A 1 4  ? -5.214  -2.345  8.843  1.00 2.16 ? 4  G A OP1    1 
ATOM 99  O OP2    . G A 1 4  ? -5.515  -0.880  6.763  1.00 1.94 ? 4  G A OP2    1 
ATOM 100 O "O5'"  . G A 1 4  ? -3.249  -1.702  7.434  1.00 1.69 ? 4  G A "O5'"  1 
ATOM 101 C "C5'"  . G A 1 4  ? -2.379  -2.368  8.349  1.00 1.71 ? 4  G A "C5'"  1 
ATOM 102 C "C4'"  . G A 1 4  ? -0.947  -2.384  7.836  1.00 1.49 ? 4  G A "C4'"  1 
ATOM 103 O "O4'"  . G A 1 4  ? -0.945  -2.816  6.473  1.00 1.46 ? 4  G A "O4'"  1 
ATOM 104 C "C3'"  . G A 1 4  ? -0.270  -1.026  7.788  1.00 1.24 ? 4  G A "C3'"  1 
ATOM 105 O "O3'"  . G A 1 4  ? 0.412   -0.854  9.033  1.00 1.23 ? 4  G A "O3'"  1 
ATOM 106 C "C2'"  . G A 1 4  ? 0.789   -1.212  6.714  1.00 1.08 ? 4  G A "C2'"  1 
ATOM 107 O "O2'"  . G A 1 4  ? 1.957   -1.824  7.266  1.00 1.11 ? 4  G A "O2'"  1 
ATOM 108 C "C1'"  . G A 1 4  ? 0.099   -2.163  5.734  1.00 1.22 ? 4  G A "C1'"  1 
ATOM 109 N N9     . G A 1 4  ? -0.499  -1.452  4.584  1.00 1.16 ? 4  G A N9     1 
ATOM 110 C C8     . G A 1 4  ? -1.792  -1.016  4.414  1.00 1.29 ? 4  G A C8     1 
ATOM 111 N N7     . G A 1 4  ? -1.996  -0.419  3.272  1.00 1.22 ? 4  G A N7     1 
ATOM 112 C C5     . G A 1 4  ? -0.756  -0.465  2.641  1.00 1.01 ? 4  G A C5     1 
ATOM 113 C C6     . G A 1 4  ? -0.361  0.028   1.365  1.00 0.89 ? 4  G A C6     1 
ATOM 114 O O6     . G A 1 4  ? -1.045  0.612   0.525  1.00 0.92 ? 4  G A O6     1 
ATOM 115 N N1     . G A 1 4  ? 0.978   -0.225  1.111  1.00 0.79 ? 4  G A N1     1 
ATOM 116 C C2     . G A 1 4  ? 1.837   -0.870  1.973  1.00 0.82 ? 4  G A C2     1 
ATOM 117 N N2     . G A 1 4  ? 3.095   -1.032  1.564  1.00 0.85 ? 4  G A N2     1 
ATOM 118 N N3     . G A 1 4  ? 1.477   -1.335  3.172  1.00 0.90 ? 4  G A N3     1 
ATOM 119 C C4     . G A 1 4  ? 0.169   -1.096  3.437  1.00 0.99 ? 4  G A C4     1 
ATOM 120 H "H5'"  . G A 1 4  ? -2.720  -3.394  8.483  1.00 1.88 ? 4  G A "H5'"  1 
ATOM 121 H "H5''" . G A 1 4  ? -2.408  -1.852  9.309  1.00 1.76 ? 4  G A "H5''" 1 
ATOM 122 H "H4'"  . G A 1 4  ? -0.364  -3.083  8.433  1.00 1.56 ? 4  G A "H4'"  1 
ATOM 123 H "H3'"  . G A 1 4  ? -0.958  -0.206  7.583  1.00 1.23 ? 4  G A "H3'"  1 
ATOM 124 H "H2'"  . G A 1 4  ? 1.030   -0.267  6.233  1.00 0.90 ? 4  G A "H2'"  1 
ATOM 125 H "HO2'" . G A 1 4  ? 1.680   -2.323  8.038  1.00 1.31 ? 4  G A "HO2'" 1 
ATOM 126 H "H1'"  . G A 1 4  ? 0.799   -2.911  5.365  1.00 1.26 ? 4  G A "H1'"  1 
ATOM 127 H H8     . G A 1 4  ? -2.583  -1.179  5.153  1.00 1.47 ? 4  G A H8     1 
ATOM 128 H H1     . G A 1 4  ? 1.345   0.090   0.226  1.00 0.76 ? 4  G A H1     1 
ATOM 129 H H21    . G A 1 4  ? 3.362   -0.759  0.629  1.00 0.86 ? 4  G A H21    1 
ATOM 130 H H22    . G A 1 4  ? 3.782   -1.431  2.189  1.00 0.92 ? 4  G A H22    1 
ATOM 131 P P      . C A 1 5  ? 0.783   0.620   9.566  1.00 1.12 ? 5  C A P      1 
ATOM 132 O OP1    . C A 1 5  ? 1.487   0.481   10.861 1.00 1.18 ? 5  C A OP1    1 
ATOM 133 O OP2    . C A 1 5  ? -0.426  1.468   9.470  1.00 1.27 ? 5  C A OP2    1 
ATOM 134 O "O5'"  . C A 1 5  ? 1.845   1.133   8.470  1.00 0.85 ? 5  C A "O5'"  1 
ATOM 135 C "C5'"  . C A 1 5  ? 3.116   0.490   8.339  1.00 0.71 ? 5  C A "C5'"  1 
ATOM 136 C "C4'"  . C A 1 5  ? 3.809   0.878   7.038  1.00 0.54 ? 5  C A "C4'"  1 
ATOM 137 O "O4'"  . C A 1 5  ? 2.979   0.527   5.939  1.00 0.60 ? 5  C A "O4'"  1 
ATOM 138 C "C3'"  . C A 1 5  ? 4.045   2.364   6.855  1.00 0.48 ? 5  C A "C3'"  1 
ATOM 139 O "O3'"  . C A 1 5  ? 5.353   2.645   7.363  1.00 0.59 ? 5  C A "O3'"  1 
ATOM 140 C "C2'"  . C A 1 5  ? 4.107   2.535   5.339  1.00 0.46 ? 5  C A "C2'"  1 
ATOM 141 O "O2'"  . C A 1 5  ? 5.454   2.391   4.880  1.00 0.61 ? 5  C A "O2'"  1 
ATOM 142 C "C1'"  . C A 1 5  ? 3.240   1.382   4.819  1.00 0.47 ? 5  C A "C1'"  1 
ATOM 143 N N1     . C A 1 5  ? 1.937   1.859   4.306  1.00 0.53 ? 5  C A N1     1 
ATOM 144 C C2     . C A 1 5  ? 1.769   1.987   2.933  1.00 0.49 ? 5  C A C2     1 
ATOM 145 O O2     . C A 1 5  ? 2.693   1.713   2.169  1.00 0.48 ? 5  C A O2     1 
ATOM 146 N N3     . C A 1 5  ? 0.570   2.422   2.459  1.00 0.61 ? 5  C A N3     1 
ATOM 147 C C4     . C A 1 5  ? -0.429  2.722   3.300  1.00 0.81 ? 5  C A C4     1 
ATOM 148 N N4     . C A 1 5  ? -1.578  3.146   2.772  1.00 0.98 ? 5  C A N4     1 
ATOM 149 C C5     . C A 1 5  ? -0.262  2.594   4.716  1.00 0.88 ? 5  C A C5     1 
ATOM 150 C C6     . C A 1 5  ? 0.930   2.161   5.171  1.00 0.72 ? 5  C A C6     1 
ATOM 151 H "H5'"  . C A 1 5  ? 2.970   -0.590  8.356  1.00 0.86 ? 5  C A "H5'"  1 
ATOM 152 H "H5''" . C A 1 5  ? 3.747   0.778   9.179  1.00 0.70 ? 5  C A "H5''" 1 
ATOM 153 H "H4'"  . C A 1 5  ? 4.744   0.331   6.960  1.00 0.61 ? 5  C A "H4'"  1 
ATOM 154 H "H3'"  . C A 1 5  ? 3.284   2.984   7.328  1.00 0.61 ? 5  C A "H3'"  1 
ATOM 155 H "H2'"  . C A 1 5  ? 3.692   3.497   5.041  1.00 0.55 ? 5  C A "H2'"  1 
ATOM 156 H "HO2'" . C A 1 5  ? 6.026   2.779   5.546  1.00 1.17 ? 5  C A "HO2'" 1 
ATOM 157 H "H1'"  . C A 1 5  ? 3.766   0.812   4.048  1.00 0.54 ? 5  C A "H1'"  1 
ATOM 158 H H41    . C A 1 5  ? -1.660  3.268   1.771  1.00 0.92 ? 5  C A H41    1 
ATOM 159 H H42    . C A 1 5  ? -2.366  3.344   3.373  1.00 1.19 ? 5  C A H42    1 
ATOM 160 H H5     . C A 1 5  ? -1.065  2.838   5.410  1.00 1.09 ? 5  C A H5     1 
ATOM 161 H H6     . C A 1 5  ? 1.095   2.052   6.243  1.00 0.78 ? 5  C A H6     1 
ATOM 162 P P      . G A 1 6  ? 5.646   4.006   8.172  1.00 0.60 ? 6  G A P      1 
ATOM 163 O OP1    . G A 1 6  ? 7.085   4.325   8.037  1.00 1.01 ? 6  G A OP1    1 
ATOM 164 O OP2    . G A 1 6  ? 5.040   3.885   9.517  1.00 0.68 ? 6  G A OP2    1 
ATOM 165 O "O5'"  . G A 1 6  ? 4.809   5.099   7.338  1.00 0.80 ? 6  G A "O5'"  1 
ATOM 166 C "C5'"  . G A 1 6  ? 5.348   5.667   6.142  1.00 0.76 ? 6  G A "C5'"  1 
ATOM 167 C "C4'"  . G A 1 6  ? 4.377   6.669   5.512  1.00 0.66 ? 6  G A "C4'"  1 
ATOM 168 O "O4'"  . G A 1 6  ? 3.033   6.251   5.793  1.00 0.77 ? 6  G A "O4'"  1 
ATOM 169 C "C3'"  . G A 1 6  ? 4.469   8.084   6.070  1.00 0.68 ? 6  G A "C3'"  1 
ATOM 170 O "O3'"  . G A 1 6  ? 3.962   8.965   5.062  1.00 0.96 ? 6  G A "O3'"  1 
ATOM 171 C "C2'"  . G A 1 6  ? 3.469   8.084   7.214  1.00 0.70 ? 6  G A "C2'"  1 
ATOM 172 O "O2'"  . G A 1 6  ? 2.966   9.402   7.443  1.00 1.06 ? 6  G A "O2'"  1 
ATOM 173 C "C1'"  . G A 1 6  ? 2.372   7.179   6.666  1.00 0.72 ? 6  G A "C1'"  1 
ATOM 174 N N9     . G A 1 6  ? 1.689   6.419   7.731  1.00 0.88 ? 6  G A N9     1 
ATOM 175 C C8     . G A 1 6  ? 2.218   5.499   8.600  1.00 1.15 ? 6  G A C8     1 
ATOM 176 N N7     . G A 1 6  ? 1.347   5.004   9.436  1.00 1.40 ? 6  G A N7     1 
ATOM 177 C C5     . G A 1 6  ? 0.157   5.642   9.099  1.00 1.30 ? 6  G A C5     1 
ATOM 178 C C6     . G A 1 6  ? -1.140  5.508   9.664  1.00 1.59 ? 6  G A C6     1 
ATOM 179 O O6     . G A 1 6  ? -1.497  4.788   10.594 1.00 1.83 ? 6  G A O6     1 
ATOM 180 N N1     . G A 1 6  ? -2.059  6.331   9.032  1.00 1.76 ? 6  G A N1     1 
ATOM 181 C C2     . G A 1 6  ? -1.773  7.177   7.986  1.00 1.78 ? 6  G A C2     1 
ATOM 182 N N2     . G A 1 6  ? -2.782  7.896   7.495  1.00 2.26 ? 6  G A N2     1 
ATOM 183 N N3     . G A 1 6  ? -0.558  7.310   7.447  1.00 1.46 ? 6  G A N3     1 
ATOM 184 C C4     . G A 1 6  ? 0.354   6.512   8.054  1.00 1.13 ? 6  G A C4     1 
ATOM 185 H "H5'"  . G A 1 6  ? 5.551   4.866   5.430  1.00 1.16 ? 6  G A "H5'"  1 
ATOM 186 H "H5''" . G A 1 6  ? 6.283   6.175   6.380  1.00 0.95 ? 6  G A "H5''" 1 
ATOM 187 H "H4'"  . G A 1 6  ? 4.526   6.677   4.432  1.00 0.90 ? 6  G A "H4'"  1 
ATOM 188 H "H3'"  . G A 1 6  ? 5.477   8.363   6.379  1.00 0.84 ? 6  G A "H3'"  1 
ATOM 189 H "H2'"  . G A 1 6  ? 3.908   7.664   8.120  1.00 0.76 ? 6  G A "H2'"  1 
ATOM 190 H "HO2'" . G A 1 6  ? 3.597   9.853   8.010  1.00 1.56 ? 6  G A "HO2'" 1 
ATOM 191 H "H1'"  . G A 1 6  ? 1.639   7.752   6.098  1.00 0.94 ? 6  G A "H1'"  1 
ATOM 192 H H8     . G A 1 6  ? 3.268   5.206   8.593  1.00 1.32 ? 6  G A H8     1 
ATOM 193 H H1     . G A 1 6  ? -3.011  6.302   9.371  1.00 2.03 ? 6  G A H1     1 
ATOM 194 H H21    . G A 1 6  ? -3.712  7.787   7.874  1.00 2.51 ? 6  G A H21    1 
ATOM 195 H H22    . G A 1 6  ? -2.617  8.549   6.743  1.00 2.42 ? 6  G A H22    1 
ATOM 196 P P      . U A 1 7  ? 4.960   9.631   3.986  1.00 1.25 ? 7  U A P      1 
ATOM 197 O OP1    . U A 1 7  ? 5.868   8.577   3.485  1.00 1.66 ? 7  U A OP1    1 
ATOM 198 O OP2    . U A 1 7  ? 5.518   10.867  4.577  1.00 1.73 ? 7  U A OP2    1 
ATOM 199 O "O5'"  . U A 1 7  ? 3.966   10.052  2.789  1.00 1.22 ? 7  U A "O5'"  1 
ATOM 200 C "C5'"  . U A 1 7  ? 3.136   9.074   2.153  1.00 0.92 ? 7  U A "C5'"  1 
ATOM 201 C "C4'"  . U A 1 7  ? 1.878   9.712   1.559  1.00 0.64 ? 7  U A "C4'"  1 
ATOM 202 O "O4'"  . U A 1 7  ? 0.787   9.507   2.457  1.00 0.72 ? 7  U A "O4'"  1 
ATOM 203 C "C3'"  . U A 1 7  ? 1.973   11.226  1.360  1.00 0.76 ? 7  U A "C3'"  1 
ATOM 204 O "O3'"  . U A 1 7  ? 1.329   11.538  0.125  1.00 1.06 ? 7  U A "O3'"  1 
ATOM 205 C "C2'"  . U A 1 7  ? 1.138   11.816  2.490  1.00 0.80 ? 7  U A "C2'"  1 
ATOM 206 O "O2'"  . U A 1 7  ? 0.507   13.027  2.070  1.00 1.11 ? 7  U A "O2'"  1 
ATOM 207 C "C1'"  . U A 1 7  ? 0.101   10.726  2.719  1.00 0.69 ? 7  U A "C1'"  1 
ATOM 208 N N1     . U A 1 7  ? -0.388  10.698  4.120  1.00 0.88 ? 7  U A N1     1 
ATOM 209 C C2     . U A 1 7  ? -1.653  11.204  4.385  1.00 1.02 ? 7  U A C2     1 
ATOM 210 O O2     . U A 1 7  ? -2.378  11.660  3.503  1.00 1.11 ? 7  U A O2     1 
ATOM 211 N N3     . U A 1 7  ? -2.058  11.162  5.706  1.00 1.26 ? 7  U A N3     1 
ATOM 212 C C4     . U A 1 7  ? -1.323  10.672  6.768  1.00 1.50 ? 7  U A C4     1 
ATOM 213 O O4     . U A 1 7  ? -1.793  10.691  7.903  1.00 1.80 ? 7  U A O4     1 
ATOM 214 C C5     . U A 1 7  ? -0.017  10.162  6.413  1.00 1.49 ? 7  U A C5     1 
ATOM 215 C C6     . U A 1 7  ? 0.400   10.194  5.123  1.00 1.16 ? 7  U A C6     1 
ATOM 216 H "H5'"  . U A 1 7  ? 2.843   8.332   2.893  1.00 1.38 ? 7  U A "H5'"  1 
ATOM 217 H "H5''" . U A 1 7  ? 3.705   8.584   1.362  1.00 1.38 ? 7  U A "H5''" 1 
ATOM 218 H "H4'"  . U A 1 7  ? 1.622   9.220   0.609  1.00 0.72 ? 7  U A "H4'"  1 
ATOM 219 H "H3'"  . U A 1 7  ? 3.002   11.589  1.368  1.00 0.98 ? 7  U A "H3'"  1 
ATOM 220 H "H2'"  . U A 1 7  ? 1.742   11.974  3.382  1.00 0.97 ? 7  U A "H2'"  1 
ATOM 221 H "HO2'" . U A 1 7  ? -0.186  12.788  1.449  1.00 1.22 ? 7  U A "HO2'" 1 
ATOM 222 H "H1'"  . U A 1 7  ? -0.732  10.818  2.024  1.00 0.84 ? 7  U A "H1'"  1 
ATOM 223 H H3     . U A 1 7  ? -2.978  11.524  5.914  1.00 1.38 ? 7  U A H3     1 
ATOM 224 H H5     . U A 1 7  ? 0.636   9.757   7.186  1.00 1.82 ? 7  U A H5     1 
ATOM 225 H H6     . U A 1 7  ? 1.388   9.806   4.875  1.00 1.22 ? 7  U A H6     1 
ATOM 226 P P      . A A 1 8  ? 2.217   11.783  -1.197 1.00 1.39 ? 8  A A P      1 
ATOM 227 O OP1    . A A 1 8  ? 3.643   11.797  -0.802 1.00 1.63 ? 8  A A OP1    1 
ATOM 228 O OP2    . A A 1 8  ? 1.644   12.929  -1.937 1.00 1.92 ? 8  A A OP2    1 
ATOM 229 O "O5'"  . A A 1 8  ? 1.944   10.448  -2.050 1.00 1.13 ? 8  A A "O5'"  1 
ATOM 230 C "C5'"  . A A 1 8  ? 0.624   10.165  -2.506 1.00 0.65 ? 8  A A "C5'"  1 
ATOM 231 C "C4'"  . A A 1 8  ? 0.510   8.780   -3.133 1.00 0.58 ? 8  A A "C4'"  1 
ATOM 232 O "O4'"  . A A 1 8  ? 0.298   7.811   -2.098 1.00 0.44 ? 8  A A "O4'"  1 
ATOM 233 C "C3'"  . A A 1 8  ? -0.706  8.619   -4.021 1.00 0.74 ? 8  A A "C3'"  1 
ATOM 234 O "O3'"  . A A 1 8  ? -0.566  7.375   -4.713 1.00 0.85 ? 8  A A "O3'"  1 
ATOM 235 C "C2'"  . A A 1 8  ? -1.810  8.434   -2.999 1.00 0.69 ? 8  A A "C2'"  1 
ATOM 236 O "O2'"  . A A 1 8  ? -2.929  7.755   -3.577 1.00 0.96 ? 8  A A "O2'"  1 
ATOM 237 C "C1'"  . A A 1 8  ? -1.108  7.544   -1.970 1.00 0.52 ? 8  A A "C1'"  1 
ATOM 238 N N9     . A A 1 8  ? -1.531  7.796   -0.582 1.00 0.61 ? 8  A A N9     1 
ATOM 239 C C8     . A A 1 8  ? -2.694  8.346   -0.148 1.00 0.79 ? 8  A A C8     1 
ATOM 240 N N7     . A A 1 8  ? -2.797  8.424   1.148  1.00 0.93 ? 8  A A N7     1 
ATOM 241 C C5     . A A 1 8  ? -1.604  7.885   1.602  1.00 0.89 ? 8  A A C5     1 
ATOM 242 C C6     . A A 1 8  ? -1.086  7.674   2.888  1.00 1.08 ? 8  A A C6     1 
ATOM 243 N N6     . A A 1 8  ? -1.732  8.000   4.008  1.00 1.30 ? 8  A A N6     1 
ATOM 244 N N1     . A A 1 8  ? 0.130   7.115   2.984  1.00 1.10 ? 8  A A N1     1 
ATOM 245 C C2     . A A 1 8  ? 0.780   6.792   1.872  1.00 0.93 ? 8  A A C2     1 
ATOM 246 N N3     . A A 1 8  ? 0.405   6.937   0.612  1.00 0.71 ? 8  A A N3     1 
ATOM 247 C C4     . A A 1 8  ? -0.818  7.499   0.553  1.00 0.69 ? 8  A A C4     1 
ATOM 248 H "H5'"  . A A 1 8  ? 0.340   10.914  -3.246 1.00 1.36 ? 8  A A "H5'"  1 
ATOM 249 H "H5''" . A A 1 8  ? -0.062  10.225  -1.662 1.00 1.21 ? 8  A A "H5''" 1 
ATOM 250 H "H4'"  . A A 1 8  ? 1.429   8.546   -3.672 1.00 0.70 ? 8  A A "H4'"  1 
ATOM 251 H "H3'"  . A A 1 8  ? -0.870  9.455   -4.701 1.00 0.95 ? 8  A A "H3'"  1 
ATOM 252 H "H2'"  . A A 1 8  ? -2.102  9.389   -2.565 1.00 0.69 ? 8  A A "H2'"  1 
ATOM 253 H "HO2'" . A A 1 8  ? -2.581  7.091   -4.176 1.00 1.39 ? 8  A A "HO2'" 1 
ATOM 254 H "H1'"  . A A 1 8  ? -1.293  6.502   -2.197 1.00 0.63 ? 8  A A "H1'"  1 
ATOM 255 H H8     . A A 1 8  ? -3.448  8.705   -0.824 1.00 0.87 ? 8  A A H8     1 
ATOM 256 H H61    . A A 1 8  ? -1.333  7.768   4.906  1.00 1.45 ? 8  A A H61    1 
ATOM 257 H H62    . A A 1 8  ? -2.620  8.478   3.957  1.00 1.34 ? 8  A A H62    1 
ATOM 258 H H2     . A A 1 8  ? 1.758   6.345   2.018  1.00 1.03 ? 8  A A H2     1 
ATOM 259 P P      . G A 1 9  ? -1.260  7.147   -6.148 1.00 1.06 ? 9  G A P      1 
ATOM 260 O OP1    . G A 1 9  ? -1.839  8.435   -6.593 1.00 1.51 ? 9  G A OP1    1 
ATOM 261 O OP2    . G A 1 9  ? -2.115  5.942   -6.063 1.00 1.79 ? 9  G A OP2    1 
ATOM 262 O "O5'"  . G A 1 9  ? -0.001  6.804   -7.095 1.00 0.89 ? 9  G A "O5'"  1 
ATOM 263 C "C5'"  . G A 1 9  ? 1.228   7.529   -6.975 1.00 1.02 ? 9  G A "C5'"  1 
ATOM 264 C "C4'"  . G A 1 9  ? 2.321   6.690   -6.316 1.00 0.94 ? 9  G A "C4'"  1 
ATOM 265 O "O4'"  . G A 1 9  ? 1.959   6.413   -4.959 1.00 0.70 ? 9  G A "O4'"  1 
ATOM 266 C "C3'"  . G A 1 9  ? 2.569   5.328   -6.965 1.00 1.00 ? 9  G A "C3'"  1 
ATOM 267 O "O3'"  . G A 1 9  ? 3.979   5.099   -6.944 1.00 1.12 ? 9  G A "O3'"  1 
ATOM 268 C "C2'"  . G A 1 9  ? 1.933   4.315   -6.029 1.00 0.81 ? 9  G A "C2'"  1 
ATOM 269 O "O2'"  . G A 1 9  ? 2.688   3.102   -6.019 1.00 0.91 ? 9  G A "O2'"  1 
ATOM 270 C "C1'"  . G A 1 9  ? 2.036   5.014   -4.678 1.00 0.62 ? 9  G A "C1'"  1 
ATOM 271 N N9     . G A 1 9  ? 0.928   4.658   -3.771 1.00 0.46 ? 9  G A N9     1 
ATOM 272 C C8     . G A 1 9  ? -0.412  4.566   -4.051 1.00 0.54 ? 9  G A C8     1 
ATOM 273 N N7     . G A 1 9  ? -1.140  4.239   -3.019 1.00 0.59 ? 9  G A N7     1 
ATOM 274 C C5     . G A 1 9  ? -0.220  4.109   -1.984 1.00 0.42 ? 9  G A C5     1 
ATOM 275 C C6     . G A 1 9  ? -0.422  3.771   -0.618 1.00 0.44 ? 9  G A C6     1 
ATOM 276 O O6     . G A 1 9  ? -1.478  3.513   -0.039 1.00 0.62 ? 9  G A O6     1 
ATOM 277 N N1     . G A 1 9  ? 0.772   3.750   0.084  1.00 0.42 ? 9  G A N1     1 
ATOM 278 C C2     . G A 1 9  ? 2.010   4.021   -0.453 1.00 0.53 ? 9  G A C2     1 
ATOM 279 N N2     . G A 1 9  ? 3.056   3.949   0.369  1.00 0.75 ? 9  G A N2     1 
ATOM 280 N N3     . G A 1 9  ? 2.211   4.339   -1.733 1.00 0.54 ? 9  G A N3     1 
ATOM 281 C C4     . G A 1 9  ? 1.053   4.365   -2.436 1.00 0.40 ? 9  G A C4     1 
ATOM 282 H "H5'"  . G A 1 9  ? 1.063   8.425   -6.378 1.00 1.71 ? 9  G A "H5'"  1 
ATOM 283 H "H5''" . G A 1 9  ? 1.562   7.824   -7.970 1.00 1.55 ? 9  G A "H5''" 1 
ATOM 284 H "H4'"  . G A 1 9  ? 3.243   7.272   -6.313 1.00 1.10 ? 9  G A "H4'"  1 
ATOM 285 H "H3'"  . G A 1 9  ? 2.163   5.262   -7.971 1.00 1.15 ? 9  G A "H3'"  1 
ATOM 286 H "H2'"  . G A 1 9  ? 0.902   4.128   -6.308 1.00 0.83 ? 9  G A "H2'"  1 
ATOM 287 H "HO2'" . G A 1 9  ? 2.749   2.796   -6.927 1.00 1.08 ? 9  G A "HO2'" 1 
ATOM 288 H "H1'"  . G A 1 9  ? 2.987   4.793   -4.194 1.00 0.65 ? 9  G A "H1'"  1 
ATOM 289 H H8     . G A 1 9  ? -0.827  4.754   -5.042 1.00 0.67 ? 9  G A H8     1 
ATOM 290 H H1     . G A 1 9  ? 0.723   3.527   1.064  1.00 0.48 ? 9  G A H1     1 
ATOM 291 H H21    . G A 1 9  ? 2.930   3.634   1.321  1.00 0.74 ? 9  G A H21    1 
ATOM 292 H H22    . G A 1 9  ? 3.975   4.211   0.042  1.00 0.95 ? 9  G A H22    1 
ATOM 293 P P      . C A 1 10 ? 4.611   3.832   -7.708 1.00 1.41 ? 10 C A P      1 
ATOM 294 O OP1    . C A 1 10 ? 5.794   4.292   -8.468 1.00 1.78 ? 10 C A OP1    1 
ATOM 295 O OP2    . C A 1 10 ? 3.518   3.118   -8.405 1.00 1.72 ? 10 C A OP2    1 
ATOM 296 O "O5'"  . C A 1 10 ? 5.121   2.908   -6.493 1.00 1.29 ? 10 C A "O5'"  1 
ATOM 297 C "C5'"  . C A 1 10 ? 6.374   3.177   -5.858 1.00 1.37 ? 10 C A "C5'"  1 
ATOM 298 C "C4'"  . C A 1 10 ? 6.614   2.256   -4.667 1.00 1.31 ? 10 C A "C4'"  1 
ATOM 299 O "O4'"  . C A 1 10 ? 5.763   2.642   -3.588 1.00 1.12 ? 10 C A "O4'"  1 
ATOM 300 C "C3'"  . C A 1 10 ? 6.261   0.802   -4.902 1.00 1.36 ? 10 C A "C3'"  1 
ATOM 301 O "O3'"  . C A 1 10 ? 7.445   0.156   -5.375 1.00 1.60 ? 10 C A "O3'"  1 
ATOM 302 C "C2'"  . C A 1 10 ? 5.992   0.276   -3.498 1.00 1.29 ? 10 C A "C2'"  1 
ATOM 303 O "O2'"  . C A 1 10 ? 7.211   -0.147  -2.882 1.00 1.46 ? 10 C A "O2'"  1 
ATOM 304 C "C1'"  . C A 1 10 ? 5.427   1.504   -2.777 1.00 1.08 ? 10 C A "C1'"  1 
ATOM 305 N N1     . C A 1 10 ? 3.951   1.438   -2.634 1.00 0.91 ? 10 C A N1     1 
ATOM 306 C C2     . C A 1 10 ? 3.426   1.080   -1.396 1.00 0.86 ? 10 C A C2     1 
ATOM 307 O O2     . C A 1 10 ? 4.178   0.831   -0.456 1.00 0.95 ? 10 C A O2     1 
ATOM 308 N N3     . C A 1 10 ? 2.075   1.012   -1.252 1.00 0.79 ? 10 C A N3     1 
ATOM 309 C C4     . C A 1 10 ? 1.263   1.283   -2.281 1.00 0.78 ? 10 C A C4     1 
ATOM 310 N N4     . C A 1 10 ? -0.052  1.195   -2.075 1.00 0.83 ? 10 C A N4     1 
ATOM 311 C C5     . C A 1 10 ? 1.793   1.652   -3.559 1.00 0.82 ? 10 C A C5     1 
ATOM 312 C C6     . C A 1 10 ? 3.134   1.715   -3.690 1.00 0.88 ? 10 C A C6     1 
ATOM 313 H "H5'"  . C A 1 10 ? 6.383   4.212   -5.516 1.00 1.39 ? 10 C A "H5'"  1 
ATOM 314 H "H5''" . C A 1 10 ? 7.177   3.037   -6.583 1.00 1.53 ? 10 C A "H5''" 1 
ATOM 315 H "H4'"  . C A 1 10 ? 7.652   2.352   -4.350 1.00 1.44 ? 10 C A "H4'"  1 
ATOM 316 H "H3'"  . C A 1 10 ? 5.421   0.666   -5.584 1.00 1.33 ? 10 C A "H3'"  1 
ATOM 317 H "H2'"  . C A 1 10 ? 5.261   -0.530  -3.520 1.00 1.30 ? 10 C A "H2'"  1 
ATOM 318 H "HO2'" . C A 1 10 ? 6.979   -0.782  -2.200 1.00 1.55 ? 10 C A "HO2'" 1 
ATOM 319 H "H1'"  . C A 1 10 ? 5.893   1.619   -1.795 1.00 1.12 ? 10 C A "H1'"  1 
ATOM 320 H H41    . C A 1 10 ? -0.406  0.992   -1.150 1.00 0.85 ? 10 C A H41    1 
ATOM 321 H H42    . C A 1 10 ? -0.694  1.332   -2.842 1.00 0.90 ? 10 C A H42    1 
ATOM 322 H H5     . C A 1 10 ? 1.142   1.874   -4.404 1.00 0.87 ? 10 C A H5     1 
ATOM 323 H H6     . C A 1 10 ? 3.570   1.984   -4.651 1.00 0.96 ? 10 C A H6     1 
ATOM 324 P P      . A A 1 11 ? 7.404   -1.383  -5.845 1.00 1.81 ? 11 A A P      1 
ATOM 325 O OP1    . A A 1 11 ? 8.762   -1.766  -6.290 1.00 2.07 ? 11 A A OP1    1 
ATOM 326 O OP2    . A A 1 11 ? 6.251   -1.559  -6.755 1.00 1.78 ? 11 A A OP2    1 
ATOM 327 O "O5'"  . A A 1 11 ? 7.086   -2.162  -4.471 1.00 1.80 ? 11 A A "O5'"  1 
ATOM 328 C "C5'"  . A A 1 11 ? 8.141   -2.497  -3.565 1.00 1.90 ? 11 A A "C5'"  1 
ATOM 329 C "C4'"  . A A 1 11 ? 7.690   -3.534  -2.542 1.00 1.88 ? 11 A A "C4'"  1 
ATOM 330 O "O4'"  . A A 1 11 ? 6.693   -2.959  -1.689 1.00 1.68 ? 11 A A "O4'"  1 
ATOM 331 C "C3'"  . A A 1 11 ? 7.011   -4.753  -3.136 1.00 1.97 ? 11 A A "C3'"  1 
ATOM 332 O "O3'"  . A A 1 11 ? 8.018   -5.750  -3.327 1.00 2.22 ? 11 A A "O3'"  1 
ATOM 333 C "C2'"  . A A 1 11 ? 6.112   -5.236  -2.011 1.00 1.91 ? 11 A A "C2'"  1 
ATOM 334 O "O2'"  . A A 1 11 ? 6.842   -6.052  -1.094 1.00 2.06 ? 11 A A "O2'"  1 
ATOM 335 C "C1'"  . A A 1 11 ? 5.686   -3.929  -1.349 1.00 1.67 ? 11 A A "C1'"  1 
ATOM 336 N N9     . A A 1 11 ? 4.385   -3.464  -1.860 1.00 1.54 ? 11 A A N9     1 
ATOM 337 C C8     . A A 1 11 ? 4.095   -2.954  -3.095 1.00 1.55 ? 11 A A C8     1 
ATOM 338 N N7     . A A 1 11 ? 2.836   -2.655  -3.257 1.00 1.49 ? 11 A A N7     1 
ATOM 339 C C5     . A A 1 11 ? 2.255   -2.992  -2.040 1.00 1.42 ? 11 A A C5     1 
ATOM 340 C C6     . A A 1 11 ? 0.938   -2.918  -1.563 1.00 1.39 ? 11 A A C6     1 
ATOM 341 N N6     . A A 1 11 ? -0.085  -2.464  -2.287 1.00 1.43 ? 11 A A N6     1 
ATOM 342 N N1     . A A 1 11 ? 0.702   -3.337  -0.310 1.00 1.40 ? 11 A A N1     1 
ATOM 343 C C2     . A A 1 11 ? 1.711   -3.797  0.418  1.00 1.43 ? 11 A A C2     1 
ATOM 344 N N3     . A A 1 11 ? 2.990   -3.917  0.089  1.00 1.47 ? 11 A A N3     1 
ATOM 345 C C4     . A A 1 11 ? 3.191   -3.488  -1.177 1.00 1.45 ? 11 A A C4     1 
ATOM 346 H "H5'"  . A A 1 11 ? 8.462   -1.596  -3.042 1.00 1.89 ? 11 A A "H5'"  1 
ATOM 347 H "H5''" . A A 1 11 ? 8.981   -2.898  -4.131 1.00 2.08 ? 11 A A "H5''" 1 
ATOM 348 H "H4'"  . A A 1 11 ? 8.548   -3.829  -1.937 1.00 2.00 ? 11 A A "H4'"  1 
ATOM 349 H "H3'"  . A A 1 11 ? 6.472   -4.540  -4.059 1.00 1.95 ? 11 A A "H3'"  1 
ATOM 350 H "H2'"  . A A 1 11 ? 5.247   -5.762  -2.410 1.00 1.96 ? 11 A A "H2'"  1 
ATOM 351 H "HO2'" . A A 1 11 ? 6.206   -6.599  -0.628 1.00 2.24 ? 11 A A "HO2'" 1 
ATOM 352 H "H1'"  . A A 1 11 ? 5.635   -4.035  -0.265 1.00 1.65 ? 11 A A "H1'"  1 
ATOM 353 H H8     . A A 1 11 ? 4.845   -2.827  -3.873 1.00 1.65 ? 11 A A H8     1 
ATOM 354 H H61    . A A 1 11 ? -1.022  -2.490  -1.912 1.00 1.45 ? 11 A A H61    1 
ATOM 355 H H62    . A A 1 11 ? 0.077   -2.093  -3.213 1.00 1.48 ? 11 A A H62    1 
ATOM 356 H H2     . A A 1 11 ? 1.449   -4.128  1.425  1.00 1.48 ? 11 A A H2     1 
ATOM 357 P P      . C A 1 12 ? 7.701   -7.069  -4.197 1.00 2.44 ? 12 C A P      1 
ATOM 358 O OP1    . C A 1 12 ? 8.842   -8.000  -4.055 1.00 2.67 ? 12 C A OP1    1 
ATOM 359 O OP2    . C A 1 12 ? 7.261   -6.640  -5.543 1.00 2.40 ? 12 C A OP2    1 
ATOM 360 O "O5'"  . C A 1 12 ? 6.436   -7.703  -3.430 1.00 2.47 ? 12 C A "O5'"  1 
ATOM 361 C "C5'"  . C A 1 12 ? 6.617   -8.795  -2.525 1.00 2.59 ? 12 C A "C5'"  1 
ATOM 362 C "C4'"  . C A 1 12 ? 5.340   -9.113  -1.750 1.00 2.61 ? 12 C A "C4'"  1 
ATOM 363 O "O4'"  . C A 1 12 ? 4.650   -7.906  -1.430 1.00 2.33 ? 12 C A "O4'"  1 
ATOM 364 C "C3'"  . C A 1 12 ? 4.305   -9.911  -2.513 1.00 2.79 ? 12 C A "C3'"  1 
ATOM 365 O "O3'"  . C A 1 12 ? 4.607   -11.294 -2.318 1.00 3.12 ? 12 C A "O3'"  1 
ATOM 366 C "C2'"  . C A 1 12 ? 3.026   -9.613  -1.744 1.00 2.72 ? 12 C A "C2'"  1 
ATOM 367 O "O2'"  . C A 1 12 ? 2.919   -10.466 -0.601 1.00 2.91 ? 12 C A "O2'"  1 
ATOM 368 C "C1'"  . C A 1 12 ? 3.237   -8.157  -1.310 1.00 2.37 ? 12 C A "C1'"  1 
ATOM 369 N N1     . C A 1 12 ? 2.506   -7.199  -2.179 1.00 2.21 ? 12 C A N1     1 
ATOM 370 C C2     . C A 1 12 ? 1.285   -6.702  -1.730 1.00 2.13 ? 12 C A C2     1 
ATOM 371 O O2     . C A 1 12 ? 0.832   -7.063  -0.646 1.00 2.19 ? 12 C A O2     1 
ATOM 372 N N3     . C A 1 12 ? 0.609   -5.817  -2.514 1.00 2.02 ? 12 C A N3     1 
ATOM 373 C C4     . C A 1 12 ? 1.110   -5.432  -3.695 1.00 2.01 ? 12 C A C4     1 
ATOM 374 N N4     . C A 1 12 ? 0.406   -4.558  -4.415 1.00 1.97 ? 12 C A N4     1 
ATOM 375 C C5     . C A 1 12 ? 2.362   -5.939  -4.166 1.00 2.09 ? 12 C A C5     1 
ATOM 376 C C6     . C A 1 12 ? 3.022   -6.814  -3.382 1.00 2.18 ? 12 C A C6     1 
ATOM 377 H "H5'"  . C A 1 12 ? 7.409   -8.541  -1.821 1.00 2.50 ? 12 C A "H5'"  1 
ATOM 378 H "H5''" . C A 1 12 ? 6.916   -9.677  -3.092 1.00 2.81 ? 12 C A "H5''" 1 
ATOM 379 H "H4'"  . C A 1 12 ? 5.607   -9.624  -0.823 1.00 2.72 ? 12 C A "H4'"  1 
ATOM 380 H "H3'"  . C A 1 12 ? 4.248   -9.650  -3.570 1.00 2.77 ? 12 C A "H3'"  1 
ATOM 381 H "H2'"  . C A 1 12 ? 2.152   -9.705  -2.387 1.00 2.80 ? 12 C A "H2'"  1 
ATOM 382 H "HO2'" . C A 1 12 ? 3.742   -10.955 -0.533 1.00 3.00 ? 12 C A "HO2'" 1 
ATOM 383 H "H1'"  . C A 1 12 ? 2.941   -8.017  -0.267 1.00 2.33 ? 12 C A "H1'"  1 
ATOM 384 H H41    . C A 1 12 ? -0.492  -4.238  -4.083 1.00 1.95 ? 12 C A H41    1 
ATOM 385 H H42    . C A 1 12 ? 0.773   -4.214  -5.291 1.00 1.99 ? 12 C A H42    1 
ATOM 386 H H5     . C A 1 12 ? 2.777   -5.634  -5.126 1.00 2.12 ? 12 C A H5     1 
ATOM 387 H H6     . C A 1 12 ? 3.975   -7.224  -3.715 1.00 2.28 ? 12 C A H6     1 
ATOM 388 P P      . C A 1 13 ? 4.189   -12.382 -3.428 1.00 3.46 ? 13 C A P      1 
ATOM 389 O OP1    . C A 1 13 ? 4.604   -13.719 -2.946 1.00 3.78 ? 13 C A OP1    1 
ATOM 390 O OP2    . C A 1 13 ? 4.649   -11.898 -4.749 1.00 3.40 ? 13 C A OP2    1 
ATOM 391 O "O5'"  . C A 1 13 ? 2.581   -12.312 -3.398 1.00 3.55 ? 13 C A "O5'"  1 
ATOM 392 C "C5'"  . C A 1 13 ? 1.855   -12.866 -2.298 1.00 3.77 ? 13 C A "C5'"  1 
ATOM 393 C "C4'"  . C A 1 13 ? 0.446   -12.289 -2.205 1.00 3.87 ? 13 C A "C4'"  1 
ATOM 394 O "O4'"  . C A 1 13 ? 0.499   -10.877 -2.333 1.00 3.49 ? 13 C A "O4'"  1 
ATOM 395 C "C3'"  . C A 1 13 ? -0.494  -12.700 -3.322 1.00 4.11 ? 13 C A "C3'"  1 
ATOM 396 O "O3'"  . C A 1 13 ? -1.074  -13.977 -3.046 1.00 4.72 ? 13 C A "O3'"  1 
ATOM 397 C "C2'"  . C A 1 13 ? -1.559  -11.599 -3.260 1.00 3.89 ? 13 C A "C2'"  1 
ATOM 398 O "O2'"  . C A 1 13 ? -2.613  -11.981 -2.373 1.00 4.35 ? 13 C A "O2'"  1 
ATOM 399 C "C1'"  . C A 1 13 ? -0.797  -10.390 -2.692 1.00 3.48 ? 13 C A "C1'"  1 
ATOM 400 N N1     . C A 1 13 ? -0.638  -9.302  -3.689 1.00 3.05 ? 13 C A N1     1 
ATOM 401 C C2     . C A 1 13 ? -1.617  -8.317  -3.741 1.00 3.02 ? 13 C A C2     1 
ATOM 402 O O2     . C A 1 13 ? -2.572  -8.355  -2.968 1.00 3.34 ? 13 C A O2     1 
ATOM 403 N N3     . C A 1 13 ? -1.492  -7.316  -4.655 1.00 2.76 ? 13 C A N3     1 
ATOM 404 C C4     . C A 1 13 ? -0.444  -7.280  -5.489 1.00 2.64 ? 13 C A C4     1 
ATOM 405 N N4     . C A 1 13 ? -0.378  -6.277  -6.365 1.00 2.67 ? 13 C A N4     1 
ATOM 406 C C5     . C A 1 13 ? 0.570   -8.288  -5.441 1.00 2.70 ? 13 C A C5     1 
ATOM 407 C C6     . C A 1 13 ? 0.434   -9.275  -4.534 1.00 2.86 ? 13 C A C6     1 
ATOM 408 H "H5'"  . C A 1 13 ? 2.390   -12.647 -1.374 1.00 3.63 ? 13 C A "H5'"  1 
ATOM 409 H "H5''" . C A 1 13 ? 1.789   -13.946 -2.424 1.00 4.08 ? 13 C A "H5''" 1 
ATOM 410 H "H4'"  . C A 1 13 ? 0.023   -12.542 -1.233 1.00 4.16 ? 13 C A "H4'"  1 
ATOM 411 H "H3'"  . C A 1 13 ? 0.016   -12.697 -4.285 1.00 4.07 ? 13 C A "H3'"  1 
ATOM 412 H "HO3'" . C A 1 13 ? -1.724  -13.852 -2.351 1.00 4.90 ? 13 C A "HO3'" 1 
ATOM 413 H "H2'"  . C A 1 13 ? -1.947  -11.380 -4.256 1.00 3.81 ? 13 C A "H2'"  1 
ATOM 414 H "HO2'" . C A 1 13 ? -3.397  -12.128 -2.907 1.00 4.69 ? 13 C A "HO2'" 1 
ATOM 415 H "H1'"  . C A 1 13 ? -1.292  -10.004 -1.799 1.00 3.64 ? 13 C A "H1'"  1 
ATOM 416 H H41    . C A 1 13 ? -1.145  -5.623  -6.444 1.00 2.70 ? 13 C A H41    1 
ATOM 417 H H42    . C A 1 13 ? 0.433   -6.176  -6.958 1.00 2.79 ? 13 C A H42    1 
ATOM 418 H H5     . C A 1 13 ? 1.428   -8.267  -6.112 1.00 2.76 ? 13 C A H5     1 
ATOM 419 H H6     . C A 1 13 ? 1.183   -10.063 -4.480 1.00 2.97 ? 13 C A H6     1 
# 
